data_5RAI
#
_entry.id   5RAI
#
_cell.length_a   57.520
_cell.length_b   93.540
_cell.length_c   93.681
_cell.angle_alpha   90.000
_cell.angle_beta   108.170
_cell.angle_gamma   90.000
#
_symmetry.space_group_name_H-M   'P 1 21 1'
#
loop_
_entity.id
_entity.type
_entity.pdbx_description
1 polymer 'Lysine-specific demethylase 3B'
2 non-polymer (1-methyl-5-phenyl-pyrazol-3-yl)methanol
3 non-polymer 'CHLORIDE ION'
4 non-polymer 'MANGANESE (II) ION'
5 water water
#
_entity_poly.entity_id   1
_entity_poly.type   'polypeptide(L)'
_entity_poly.pdbx_seq_one_letter_code
;MHHHHHHSSGVDLGTENLYFQSMTSHSWLCDGRLLCLHDPSNKNNWKIFRECWKQGQPVLVSGVHKKLKSELWKPEAFSQ
EFGDQDVDLVNCRNCAIISDVKVRDFWDGFEIICKRLRSEDGQPMVLKLKDWPPGEDFRDMMPTRFEDLMENLPLPEYTK
RDGRLNLASRLPSYFVRPDLGPKMYNAYGLITAEDRRVGTTNLHLDVSDAVNVMVYVGIPIGEGAHDEEVLKTIDEGDAD
EVTKERIHDHKEKPGALWHIYAAKDAEKIRELLRKVGEEQGQENPPDHDPIHDQSWYLDQTLRKRLYEEYGVQGWAIVQF
LGDAVFIPAGAPHQVHNLYSCIKVAEDFVSPEHVKHCFRLTQEFRHLSNTHT
;
_entity_poly.pdbx_strand_id   A,B
#
# COMPACT_ATOMS: atom_id res chain seq x y z
N SER A 22 -24.82 -18.66 40.77
CA SER A 22 -23.94 -19.88 40.64
C SER A 22 -23.06 -19.69 39.41
N MET A 23 -22.00 -20.50 39.29
CA MET A 23 -21.14 -20.56 38.08
C MET A 23 -21.98 -21.08 36.91
N THR A 24 -21.87 -20.42 35.76
CA THR A 24 -22.57 -20.86 34.52
C THR A 24 -21.62 -20.71 33.32
N SER A 25 -21.90 -21.47 32.29
CA SER A 25 -21.05 -21.50 31.07
C SER A 25 -21.09 -20.15 30.33
N HIS A 26 -22.23 -19.46 30.28
CA HIS A 26 -22.44 -18.26 29.44
C HIS A 26 -23.67 -17.49 29.89
N SER A 27 -23.85 -16.31 29.33
CA SER A 27 -25.01 -15.42 29.47
C SER A 27 -25.08 -14.54 28.23
N TRP A 28 -26.08 -13.65 28.18
CA TRP A 28 -26.33 -12.82 26.98
C TRP A 28 -26.29 -11.33 27.37
N LEU A 29 -25.79 -10.50 26.47
CA LEU A 29 -25.93 -9.04 26.52
C LEU A 29 -26.62 -8.58 25.23
N CYS A 30 -26.83 -7.27 25.07
CA CYS A 30 -27.47 -6.66 23.88
C CYS A 30 -28.84 -7.31 23.61
N ASP A 31 -29.61 -7.52 24.67
CA ASP A 31 -30.99 -8.10 24.60
C ASP A 31 -31.00 -9.47 23.92
N GLY A 32 -30.00 -10.33 24.15
CA GLY A 32 -29.89 -11.67 23.54
C GLY A 32 -29.05 -11.74 22.28
N ARG A 33 -28.59 -10.56 21.78
CA ARG A 33 -27.89 -10.51 20.50
C ARG A 33 -26.35 -10.69 20.65
N LEU A 34 -25.83 -10.71 21.88
CA LEU A 34 -24.35 -10.87 22.13
C LEU A 34 -24.11 -12.04 23.09
N LEU A 35 -23.43 -13.08 22.63
CA LEU A 35 -22.94 -14.17 23.52
C LEU A 35 -21.84 -13.67 24.47
N CYS A 36 -21.97 -13.92 25.78
N CYS A 36 -21.94 -14.00 25.76
CA CYS A 36 -20.89 -13.72 26.79
CA CYS A 36 -20.89 -13.75 26.78
C CYS A 36 -20.45 -15.05 27.41
C CYS A 36 -20.45 -15.06 27.42
N LEU A 37 -19.26 -15.54 27.04
CA LEU A 37 -18.69 -16.80 27.60
C LEU A 37 -17.99 -16.47 28.92
N HIS A 38 -18.19 -17.30 29.95
CA HIS A 38 -17.69 -16.96 31.32
C HIS A 38 -16.33 -17.57 31.68
N ASP A 39 -15.94 -18.71 31.11
CA ASP A 39 -14.70 -19.43 31.45
C ASP A 39 -13.78 -19.40 30.24
N PRO A 40 -12.71 -18.56 30.23
CA PRO A 40 -11.87 -18.43 29.04
C PRO A 40 -11.17 -19.72 28.60
N SER A 41 -10.99 -20.71 29.48
CA SER A 41 -10.23 -21.95 29.19
C SER A 41 -11.15 -23.16 29.10
N ASN A 42 -12.49 -22.98 29.08
CA ASN A 42 -13.49 -24.08 28.92
C ASN A 42 -13.27 -24.78 27.57
N LYS A 43 -12.89 -26.08 27.57
CA LYS A 43 -12.60 -26.85 26.33
C LYS A 43 -13.86 -27.04 25.47
N ASN A 44 -15.04 -26.74 26.00
CA ASN A 44 -16.35 -26.86 25.30
C ASN A 44 -16.89 -25.52 24.74
N ASN A 45 -16.17 -24.41 24.90
CA ASN A 45 -16.62 -23.07 24.42
C ASN A 45 -16.96 -23.09 22.90
N TRP A 46 -16.20 -23.82 22.09
CA TRP A 46 -16.43 -23.85 20.63
C TRP A 46 -17.88 -24.24 20.27
N LYS A 47 -18.51 -25.12 21.07
CA LYS A 47 -19.88 -25.64 20.80
C LYS A 47 -20.91 -24.49 20.83
N ILE A 48 -20.74 -23.50 21.70
CA ILE A 48 -21.65 -22.33 21.93
C ILE A 48 -21.25 -21.21 20.92
N PHE A 49 -19.94 -21.01 20.80
CA PHE A 49 -19.31 -19.95 19.99
C PHE A 49 -19.63 -20.06 18.50
N ARG A 50 -19.54 -21.29 17.98
N ARG A 50 -19.52 -21.26 17.93
CA ARG A 50 -19.48 -21.59 16.52
CA ARG A 50 -19.46 -21.39 16.46
C ARG A 50 -20.76 -21.10 15.83
C ARG A 50 -20.79 -21.01 15.82
N GLU A 51 -21.93 -21.28 16.46
CA GLU A 51 -23.23 -20.86 15.82
C GLU A 51 -23.35 -19.33 15.75
N CYS A 52 -22.98 -18.64 16.84
CA CYS A 52 -23.07 -17.17 16.88
C CYS A 52 -22.08 -16.60 15.85
N TRP A 53 -20.88 -17.16 15.78
CA TRP A 53 -19.79 -16.67 14.90
C TRP A 53 -20.20 -16.83 13.44
N LYS A 54 -20.85 -17.96 13.09
CA LYS A 54 -21.22 -18.24 11.68
C LYS A 54 -22.25 -17.21 11.21
N GLN A 55 -23.05 -16.67 12.11
CA GLN A 55 -24.11 -15.64 11.84
C GLN A 55 -23.50 -14.23 11.69
N GLY A 56 -22.21 -14.06 11.88
CA GLY A 56 -21.58 -12.73 11.68
C GLY A 56 -21.60 -11.88 12.93
N GLN A 57 -21.90 -12.47 14.09
CA GLN A 57 -21.99 -11.69 15.37
C GLN A 57 -20.61 -11.56 16.05
N PRO A 58 -20.32 -10.41 16.70
CA PRO A 58 -19.22 -10.37 17.65
C PRO A 58 -19.54 -11.29 18.85
N VAL A 59 -18.52 -11.65 19.64
CA VAL A 59 -18.64 -12.46 20.89
C VAL A 59 -17.77 -11.85 21.98
N LEU A 60 -18.22 -11.90 23.24
CA LEU A 60 -17.42 -11.43 24.39
C LEU A 60 -17.01 -12.66 25.23
N VAL A 61 -15.74 -12.72 25.69
CA VAL A 61 -15.30 -13.73 26.69
C VAL A 61 -14.77 -12.97 27.91
N SER A 62 -15.32 -13.23 29.09
CA SER A 62 -14.84 -12.55 30.33
C SER A 62 -13.79 -13.41 31.07
N GLY A 63 -13.00 -12.75 31.96
CA GLY A 63 -12.13 -13.41 32.96
C GLY A 63 -10.72 -13.66 32.49
N VAL A 64 -10.26 -13.12 31.35
CA VAL A 64 -8.91 -13.44 30.80
C VAL A 64 -7.83 -12.90 31.75
N HIS A 65 -8.12 -11.80 32.45
CA HIS A 65 -7.13 -11.13 33.37
C HIS A 65 -6.69 -12.10 34.47
N LYS A 66 -7.59 -12.96 34.91
CA LYS A 66 -7.34 -13.94 36.00
C LYS A 66 -6.35 -15.02 35.53
N LYS A 67 -6.15 -15.20 34.22
CA LYS A 67 -5.22 -16.21 33.62
C LYS A 67 -3.81 -15.63 33.37
N LEU A 68 -3.64 -14.30 33.39
CA LEU A 68 -2.36 -13.64 33.02
C LEU A 68 -1.49 -13.41 34.28
N LYS A 69 -0.22 -13.11 34.01
CA LYS A 69 0.78 -12.61 35.00
C LYS A 69 0.66 -11.07 35.11
N SER A 70 -0.10 -10.62 36.10
CA SER A 70 -0.60 -9.23 36.27
C SER A 70 0.56 -8.22 36.34
N GLU A 71 1.72 -8.63 36.86
CA GLU A 71 2.93 -7.77 36.96
C GLU A 71 3.53 -7.43 35.57
N LEU A 72 3.23 -8.18 34.51
CA LEU A 72 3.75 -7.95 33.15
C LEU A 72 2.91 -6.84 32.46
N TRP A 73 1.71 -6.53 32.94
CA TRP A 73 0.74 -5.70 32.16
C TRP A 73 0.48 -4.35 32.85
N LYS A 74 1.44 -3.84 33.59
CA LYS A 74 1.26 -2.58 34.36
C LYS A 74 1.99 -1.44 33.65
N PRO A 75 1.43 -0.23 33.69
CA PRO A 75 2.02 0.94 33.04
C PRO A 75 3.43 1.26 33.59
N GLU A 76 3.63 1.19 34.91
CA GLU A 76 4.98 1.41 35.53
C GLU A 76 6.05 0.45 34.96
N ALA A 77 5.74 -0.83 34.71
CA ALA A 77 6.72 -1.77 34.11
C ALA A 77 7.08 -1.33 32.71
N PHE A 78 6.10 -0.94 31.88
CA PHE A 78 6.41 -0.54 30.50
C PHE A 78 7.32 0.71 30.54
N SER A 79 7.08 1.61 31.45
CA SER A 79 7.89 2.85 31.55
C SER A 79 9.34 2.48 31.98
N GLN A 80 9.47 1.64 33.01
CA GLN A 80 10.80 1.26 33.58
C GLN A 80 11.62 0.54 32.51
N GLU A 81 11.01 -0.38 31.74
CA GLU A 81 11.73 -1.29 30.82
C GLU A 81 12.00 -0.63 29.43
N PHE A 82 11.11 0.24 28.91
CA PHE A 82 11.15 0.73 27.51
C PHE A 82 11.13 2.28 27.42
N GLY A 83 11.20 3.01 28.56
CA GLY A 83 10.93 4.45 28.65
C GLY A 83 11.81 5.32 27.77
N ASP A 84 13.02 4.85 27.43
CA ASP A 84 14.01 5.67 26.64
C ASP A 84 13.82 5.56 25.14
N GLN A 85 12.91 4.69 24.65
CA GLN A 85 12.58 4.60 23.21
C GLN A 85 11.92 5.87 22.69
N ASP A 86 12.27 6.27 21.48
CA ASP A 86 11.64 7.38 20.74
C ASP A 86 10.32 6.92 20.10
N VAL A 87 9.30 7.77 20.12
CA VAL A 87 7.94 7.41 19.66
C VAL A 87 7.21 8.69 19.28
N ASP A 88 6.14 8.56 18.49
CA ASP A 88 5.14 9.62 18.27
C ASP A 88 3.86 9.27 19.05
N LEU A 89 3.15 10.30 19.48
CA LEU A 89 1.83 10.23 20.15
C LEU A 89 0.80 10.87 19.25
N VAL A 90 -0.46 10.58 19.50
CA VAL A 90 -1.58 11.33 18.85
C VAL A 90 -2.44 12.00 19.92
N ASN A 91 -2.82 13.25 19.68
CA ASN A 91 -3.79 13.99 20.50
C ASN A 91 -5.20 13.55 20.04
N CYS A 92 -5.95 12.79 20.88
CA CYS A 92 -7.28 12.22 20.54
C CYS A 92 -8.31 13.31 20.24
N ARG A 93 -8.18 14.50 20.81
CA ARG A 93 -9.19 15.61 20.65
C ARG A 93 -9.13 16.22 19.23
N ASN A 94 -7.98 16.31 18.56
CA ASN A 94 -7.82 16.98 17.23
C ASN A 94 -7.00 16.14 16.21
N CYS A 95 -6.63 14.91 16.54
CA CYS A 95 -5.84 13.99 15.65
C CYS A 95 -4.43 14.55 15.29
N ALA A 96 -3.94 15.58 15.95
CA ALA A 96 -2.58 16.13 15.75
C ALA A 96 -1.53 15.15 16.26
N ILE A 97 -0.39 15.10 15.57
CA ILE A 97 0.76 14.20 15.92
C ILE A 97 1.76 14.97 16.80
N ILE A 98 2.09 14.42 17.97
CA ILE A 98 3.21 14.89 18.82
C ILE A 98 4.42 14.01 18.46
N SER A 99 5.35 14.60 17.69
CA SER A 99 6.52 13.93 17.08
C SER A 99 7.73 13.83 18.03
N ASP A 100 8.37 12.67 18.03
CA ASP A 100 9.77 12.45 18.51
C ASP A 100 9.85 12.78 19.99
N VAL A 101 9.00 12.14 20.78
CA VAL A 101 9.07 12.19 22.26
C VAL A 101 9.44 10.80 22.77
N LYS A 102 9.53 10.62 24.08
CA LYS A 102 9.97 9.36 24.72
C LYS A 102 8.76 8.54 25.16
N VAL A 103 8.90 7.24 25.11
CA VAL A 103 7.86 6.28 25.61
C VAL A 103 7.45 6.65 27.05
N ARG A 104 8.42 7.05 27.89
CA ARG A 104 8.08 7.41 29.30
C ARG A 104 7.14 8.64 29.36
N ASP A 105 7.16 9.57 28.39
CA ASP A 105 6.32 10.81 28.44
C ASP A 105 4.84 10.39 28.39
N PHE A 106 4.56 9.26 27.70
CA PHE A 106 3.19 8.66 27.67
C PHE A 106 2.89 7.89 28.97
N TRP A 107 3.70 6.90 29.32
CA TRP A 107 3.39 5.97 30.44
C TRP A 107 3.34 6.70 31.79
N ASP A 108 4.21 7.66 32.07
CA ASP A 108 4.22 8.28 33.43
C ASP A 108 2.97 9.13 33.71
N GLY A 109 2.23 9.59 32.67
CA GLY A 109 0.95 10.29 32.81
C GLY A 109 -0.31 9.38 32.65
N PHE A 110 -0.15 8.09 32.56
CA PHE A 110 -1.28 7.16 32.24
C PHE A 110 -2.37 7.22 33.30
N GLU A 111 -2.00 7.27 34.58
CA GLU A 111 -2.97 7.40 35.72
C GLU A 111 -2.80 8.70 36.49
N ILE A 112 -1.59 9.22 36.59
CA ILE A 112 -1.31 10.43 37.40
C ILE A 112 -1.51 11.67 36.52
N ILE A 113 -2.67 12.27 36.60
CA ILE A 113 -3.08 13.38 35.73
C ILE A 113 -2.05 14.52 35.86
N CYS A 114 -1.45 14.78 37.04
CA CYS A 114 -0.45 15.90 37.31
C CYS A 114 0.86 15.63 36.55
N LYS A 115 1.01 14.52 35.80
CA LYS A 115 2.26 14.21 35.04
C LYS A 115 1.99 14.28 33.54
N ARG A 116 0.76 14.53 33.06
CA ARG A 116 0.45 14.52 31.59
C ARG A 116 0.95 15.75 30.87
N LEU A 117 1.43 15.58 29.63
CA LEU A 117 1.70 16.67 28.66
C LEU A 117 0.44 17.54 28.59
N ARG A 118 0.64 18.86 28.61
CA ARG A 118 -0.49 19.84 28.68
C ARG A 118 -0.53 20.49 27.31
N SER A 119 -1.72 20.70 26.74
CA SER A 119 -1.89 21.53 25.53
C SER A 119 -1.68 23.00 25.95
N GLU A 120 -1.75 23.92 24.99
CA GLU A 120 -1.43 25.35 25.18
C GLU A 120 -2.57 26.08 25.90
N ASP A 121 -3.72 25.42 26.12
CA ASP A 121 -4.79 25.96 27.00
C ASP A 121 -4.55 25.58 28.46
N GLY A 122 -3.45 24.86 28.75
CA GLY A 122 -3.02 24.41 30.09
C GLY A 122 -3.81 23.22 30.60
N GLN A 123 -4.58 22.54 29.71
CA GLN A 123 -5.35 21.34 30.13
C GLN A 123 -4.49 20.10 29.89
N PRO A 124 -4.63 19.04 30.69
CA PRO A 124 -3.91 17.81 30.39
C PRO A 124 -4.50 17.19 29.10
N MET A 125 -3.62 16.74 28.17
CA MET A 125 -4.08 16.16 26.89
C MET A 125 -4.54 14.71 27.09
N VAL A 126 -5.41 14.29 26.15
CA VAL A 126 -5.86 12.87 26.06
C VAL A 126 -5.07 12.23 24.92
N LEU A 127 -4.06 11.39 25.22
CA LEU A 127 -3.06 10.92 24.23
C LEU A 127 -3.24 9.42 23.93
N LYS A 128 -2.80 9.02 22.74
CA LYS A 128 -2.66 7.63 22.26
C LYS A 128 -1.18 7.39 21.91
N LEU A 129 -0.61 6.25 22.27
CA LEU A 129 0.76 5.85 21.84
C LEU A 129 0.67 5.20 20.46
N LYS A 130 1.31 5.80 19.45
CA LYS A 130 1.18 5.38 18.02
C LYS A 130 2.19 4.28 17.68
N ASP A 131 1.76 3.24 16.96
CA ASP A 131 2.68 2.21 16.38
C ASP A 131 3.76 1.75 17.38
N TRP A 132 3.34 1.26 18.56
CA TRP A 132 4.28 0.78 19.62
C TRP A 132 3.77 -0.51 20.25
N PRO A 133 4.60 -1.57 20.36
CA PRO A 133 5.87 -1.71 19.63
C PRO A 133 5.67 -1.62 18.12
N PRO A 134 6.70 -1.11 17.40
CA PRO A 134 6.57 -0.80 15.98
C PRO A 134 6.42 -2.06 15.10
N GLY A 135 5.47 -2.02 14.16
CA GLY A 135 5.18 -3.09 13.18
C GLY A 135 5.02 -4.45 13.82
N GLU A 136 5.92 -5.40 13.50
CA GLU A 136 5.86 -6.83 13.90
C GLU A 136 6.85 -7.11 15.04
N ASP A 137 7.40 -6.09 15.71
CA ASP A 137 8.48 -6.27 16.71
C ASP A 137 7.97 -6.67 18.11
N PHE A 138 6.67 -6.87 18.35
CA PHE A 138 6.17 -7.22 19.71
C PHE A 138 6.94 -8.42 20.28
N ARG A 139 7.04 -9.52 19.52
CA ARG A 139 7.61 -10.80 20.03
C ARG A 139 9.10 -10.63 20.40
N ASP A 140 9.87 -9.96 19.56
CA ASP A 140 11.33 -9.71 19.79
C ASP A 140 11.53 -8.80 21.00
N MET A 141 10.75 -7.71 21.08
CA MET A 141 10.91 -6.71 22.17
C MET A 141 10.41 -7.29 23.49
N MET A 142 9.29 -8.04 23.47
CA MET A 142 8.57 -8.45 24.69
C MET A 142 8.28 -9.96 24.66
N PRO A 143 9.30 -10.84 24.69
CA PRO A 143 9.05 -12.29 24.60
C PRO A 143 8.26 -12.93 25.74
N THR A 144 8.40 -12.47 26.99
CA THR A 144 7.68 -13.03 28.15
C THR A 144 6.19 -12.63 28.03
N ARG A 145 5.91 -11.38 27.67
CA ARG A 145 4.50 -10.90 27.41
C ARG A 145 3.86 -11.69 26.27
N PHE A 146 4.60 -11.93 25.21
CA PHE A 146 4.11 -12.68 24.02
C PHE A 146 3.62 -14.07 24.45
N GLU A 147 4.47 -14.81 25.18
CA GLU A 147 4.12 -16.16 25.68
C GLU A 147 2.90 -16.11 26.61
N ASP A 148 2.83 -15.14 27.53
CA ASP A 148 1.75 -15.02 28.52
C ASP A 148 0.42 -14.79 27.78
N LEU A 149 0.43 -13.95 26.76
CA LEU A 149 -0.85 -13.66 26.00
C LEU A 149 -1.21 -14.93 25.22
N MET A 150 -0.30 -15.44 24.38
CA MET A 150 -0.68 -16.48 23.38
C MET A 150 -1.16 -17.75 24.07
N GLU A 151 -0.60 -18.12 25.22
CA GLU A 151 -0.99 -19.34 25.96
C GLU A 151 -2.31 -19.18 26.74
N ASN A 152 -2.89 -17.98 26.81
CA ASN A 152 -4.10 -17.72 27.62
C ASN A 152 -5.24 -17.12 26.73
N LEU A 153 -5.07 -17.02 25.44
CA LEU A 153 -6.13 -16.56 24.52
C LEU A 153 -7.29 -17.57 24.58
N PRO A 154 -8.54 -17.10 24.63
CA PRO A 154 -9.69 -17.98 24.48
C PRO A 154 -9.83 -18.50 23.05
N LEU A 155 -10.63 -19.59 22.88
CA LEU A 155 -10.94 -20.24 21.57
C LEU A 155 -9.62 -20.52 20.83
N PRO A 156 -8.68 -21.24 21.49
CA PRO A 156 -7.33 -21.36 20.92
C PRO A 156 -7.25 -22.05 19.55
N GLU A 157 -8.17 -22.97 19.20
CA GLU A 157 -8.17 -23.56 17.82
C GLU A 157 -8.36 -22.46 16.77
N TYR A 158 -9.06 -21.37 17.08
CA TYR A 158 -9.25 -20.23 16.16
C TYR A 158 -8.09 -19.23 16.30
N THR A 159 -7.63 -18.93 17.52
CA THR A 159 -6.82 -17.70 17.80
C THR A 159 -5.29 -17.94 17.81
N LYS A 160 -4.81 -19.14 18.09
CA LYS A 160 -3.34 -19.46 18.10
C LYS A 160 -2.79 -19.48 16.66
N ARG A 161 -1.50 -19.13 16.49
CA ARG A 161 -0.93 -18.91 15.15
C ARG A 161 -1.07 -20.21 14.34
N ASP A 162 -0.93 -21.36 15.02
CA ASP A 162 -1.01 -22.78 14.56
C ASP A 162 -2.28 -23.50 15.04
N GLY A 163 -3.36 -22.77 15.35
CA GLY A 163 -4.64 -23.43 15.67
C GLY A 163 -5.19 -24.19 14.49
N ARG A 164 -5.89 -25.26 14.81
CA ARG A 164 -6.47 -26.19 13.82
C ARG A 164 -7.48 -25.44 12.94
N LEU A 165 -8.17 -24.38 13.44
CA LEU A 165 -9.18 -23.58 12.68
C LEU A 165 -8.72 -22.18 12.28
N ASN A 166 -7.41 -21.90 12.32
CA ASN A 166 -6.86 -20.62 11.86
C ASN A 166 -6.19 -20.90 10.52
N LEU A 167 -6.72 -20.31 9.47
CA LEU A 167 -6.23 -20.56 8.09
C LEU A 167 -5.09 -19.59 7.74
N ALA A 168 -4.64 -18.74 8.67
CA ALA A 168 -3.68 -17.64 8.35
C ALA A 168 -2.44 -18.20 7.62
N SER A 169 -1.88 -19.31 8.14
CA SER A 169 -0.62 -19.89 7.61
C SER A 169 -0.88 -20.86 6.46
N ARG A 170 -2.12 -21.02 5.99
CA ARG A 170 -2.50 -22.12 5.08
C ARG A 170 -3.08 -21.58 3.76
N LEU A 171 -3.05 -20.28 3.49
CA LEU A 171 -3.76 -19.76 2.30
C LEU A 171 -2.75 -19.23 1.27
N PRO A 172 -3.10 -19.34 -0.03
CA PRO A 172 -2.24 -18.73 -1.05
C PRO A 172 -2.46 -17.23 -1.14
N SER A 173 -1.65 -16.58 -2.00
CA SER A 173 -1.63 -15.10 -2.21
C SER A 173 -2.91 -14.52 -2.80
N TYR A 174 -3.85 -15.34 -3.25
CA TYR A 174 -5.23 -14.93 -3.63
C TYR A 174 -6.00 -14.40 -2.39
N PHE A 175 -5.48 -14.58 -1.19
CA PHE A 175 -6.06 -14.10 0.10
C PHE A 175 -5.10 -13.13 0.78
N VAL A 176 -5.63 -12.01 1.28
CA VAL A 176 -4.89 -11.06 2.13
C VAL A 176 -4.66 -11.76 3.47
N ARG A 177 -3.40 -11.88 3.86
CA ARG A 177 -2.93 -12.58 5.08
C ARG A 177 -2.65 -11.54 6.17
N PRO A 178 -3.00 -11.78 7.45
CA PRO A 178 -2.66 -10.81 8.49
C PRO A 178 -1.15 -10.69 8.74
N ASP A 179 -0.69 -9.50 9.16
CA ASP A 179 0.71 -9.31 9.65
C ASP A 179 0.83 -10.16 10.90
N LEU A 180 2.06 -10.48 11.28
CA LEU A 180 2.42 -11.15 12.55
C LEU A 180 2.14 -10.19 13.71
N GLY A 181 1.46 -10.70 14.72
CA GLY A 181 0.93 -9.88 15.84
C GLY A 181 1.67 -10.31 17.09
N PRO A 182 1.15 -10.00 18.27
CA PRO A 182 0.03 -9.09 18.40
C PRO A 182 0.34 -7.59 18.24
N LYS A 183 -0.72 -6.80 18.31
CA LYS A 183 -0.74 -5.31 18.27
C LYS A 183 -1.29 -4.75 19.59
N MET A 184 -0.70 -3.66 20.10
CA MET A 184 -1.20 -2.97 21.32
C MET A 184 -1.99 -1.71 20.94
N TYR A 185 -2.98 -1.43 21.78
CA TYR A 185 -3.85 -0.24 21.72
C TYR A 185 -3.76 0.38 23.11
N ASN A 186 -2.95 1.45 23.20
CA ASN A 186 -2.61 2.12 24.49
C ASN A 186 -3.03 3.59 24.40
N ALA A 187 -3.97 4.00 25.25
CA ALA A 187 -4.53 5.38 25.16
C ALA A 187 -5.19 5.79 26.47
N TYR A 188 -5.20 7.11 26.75
CA TYR A 188 -5.83 7.70 27.94
C TYR A 188 -7.37 7.63 27.78
N GLY A 189 -8.11 7.79 28.88
CA GLY A 189 -9.59 7.91 28.86
C GLY A 189 -10.05 9.28 28.40
N LEU A 190 -11.16 9.36 27.66
CA LEU A 190 -11.83 10.65 27.30
C LEU A 190 -12.56 11.13 28.57
N ILE A 191 -12.54 12.44 28.80
CA ILE A 191 -12.81 13.01 30.16
C ILE A 191 -14.09 13.85 30.18
N THR A 192 -14.23 14.82 29.29
CA THR A 192 -15.22 15.93 29.37
C THR A 192 -16.53 15.57 28.68
N ALA A 193 -17.57 16.43 28.83
CA ALA A 193 -18.84 16.34 28.06
C ALA A 193 -18.54 16.53 26.57
N GLU A 194 -17.68 17.50 26.19
CA GLU A 194 -17.27 17.69 24.76
C GLU A 194 -16.59 16.41 24.23
N ASP A 195 -15.84 15.71 25.08
CA ASP A 195 -15.10 14.50 24.64
C ASP A 195 -16.08 13.32 24.38
N ARG A 196 -17.36 13.43 24.74
CA ARG A 196 -18.34 12.31 24.56
C ARG A 196 -18.52 11.99 23.05
N ARG A 197 -18.36 12.96 22.15
CA ARG A 197 -18.56 12.79 20.69
C ARG A 197 -17.26 12.43 19.97
N VAL A 198 -16.16 12.19 20.70
CA VAL A 198 -14.80 11.94 20.14
C VAL A 198 -14.51 10.43 20.20
N GLY A 199 -13.81 9.91 19.18
CA GLY A 199 -13.34 8.52 19.19
C GLY A 199 -11.92 8.42 19.76
N THR A 200 -11.63 7.34 20.44
CA THR A 200 -10.24 6.89 20.69
C THR A 200 -9.70 6.37 19.36
N THR A 201 -10.39 5.39 18.75
CA THR A 201 -10.15 4.87 17.40
C THR A 201 -11.42 5.08 16.57
N ASN A 202 -11.32 5.79 15.46
CA ASN A 202 -12.46 6.12 14.58
C ASN A 202 -13.00 4.88 13.87
N LEU A 203 -14.20 4.96 13.29
CA LEU A 203 -14.82 3.85 12.55
C LEU A 203 -13.93 3.35 11.40
N HIS A 204 -13.72 2.03 11.31
CA HIS A 204 -12.86 1.33 10.32
C HIS A 204 -13.27 -0.13 10.26
N LEU A 205 -12.70 -0.90 9.33
CA LEU A 205 -12.84 -2.37 9.32
C LEU A 205 -11.50 -3.02 9.02
N ASP A 206 -11.38 -4.31 9.32
CA ASP A 206 -10.15 -5.16 9.22
C ASP A 206 -10.59 -6.35 8.28
N VAL A 207 -9.83 -6.79 7.23
CA VAL A 207 -10.25 -7.94 6.37
C VAL A 207 -9.98 -9.31 7.06
N SER A 208 -9.29 -9.33 8.20
N SER A 208 -9.28 -9.32 8.19
CA SER A 208 -9.08 -10.54 9.04
CA SER A 208 -9.05 -10.51 9.05
C SER A 208 -9.92 -10.44 10.31
C SER A 208 -9.99 -10.45 10.26
N ASP A 209 -10.25 -11.60 10.89
CA ASP A 209 -10.88 -11.67 12.21
C ASP A 209 -9.86 -11.17 13.26
N ALA A 210 -10.29 -10.79 14.45
CA ALA A 210 -9.34 -10.46 15.56
C ALA A 210 -9.99 -10.74 16.92
N VAL A 211 -9.17 -10.97 17.93
CA VAL A 211 -9.56 -10.96 19.36
C VAL A 211 -8.80 -9.82 20.07
N ASN A 212 -9.50 -8.93 20.75
CA ASN A 212 -8.92 -7.75 21.44
C ASN A 212 -9.12 -7.96 22.96
N VAL A 213 -8.01 -8.08 23.73
CA VAL A 213 -8.08 -8.36 25.18
C VAL A 213 -7.74 -7.09 26.00
N MET A 214 -8.59 -6.75 26.96
CA MET A 214 -8.39 -5.63 27.93
C MET A 214 -7.51 -6.17 29.08
N VAL A 215 -6.19 -5.83 29.08
CA VAL A 215 -5.20 -6.41 30.05
C VAL A 215 -5.00 -5.47 31.25
N TYR A 216 -5.38 -4.18 31.16
CA TYR A 216 -5.25 -3.20 32.28
C TYR A 216 -6.17 -1.99 32.07
N VAL A 217 -6.85 -1.55 33.14
CA VAL A 217 -7.66 -0.31 33.21
C VAL A 217 -7.12 0.57 34.35
N GLY A 218 -6.71 1.79 33.98
CA GLY A 218 -6.17 2.80 34.89
C GLY A 218 -7.22 3.83 35.22
N ILE A 219 -7.68 3.85 36.47
CA ILE A 219 -8.66 4.88 36.93
C ILE A 219 -7.86 5.97 37.62
N PRO A 220 -7.75 7.17 37.00
CA PRO A 220 -6.80 8.19 37.46
C PRO A 220 -6.98 8.74 38.88
N ILE A 221 -6.07 9.65 39.28
CA ILE A 221 -6.08 10.39 40.58
C ILE A 221 -5.61 11.83 40.34
N GLY A 222 -5.94 12.73 41.27
CA GLY A 222 -5.68 14.18 41.18
C GLY A 222 -6.89 14.90 40.63
N GLU A 223 -7.26 14.60 39.37
CA GLU A 223 -8.58 14.91 38.78
C GLU A 223 -9.39 13.60 38.78
N GLY A 224 -9.35 12.89 39.91
CA GLY A 224 -10.03 11.60 40.14
C GLY A 224 -11.28 11.77 40.98
N ALA A 225 -12.40 11.22 40.50
CA ALA A 225 -13.78 11.44 41.00
C ALA A 225 -14.66 11.68 39.78
N HIS A 226 -14.13 11.29 38.61
CA HIS A 226 -14.69 11.47 37.24
C HIS A 226 -15.60 10.28 36.92
N ASP A 227 -16.49 9.91 37.85
CA ASP A 227 -17.32 8.67 37.79
C ASP A 227 -18.67 8.94 37.09
N GLU A 228 -19.26 10.14 37.26
CA GLU A 228 -20.66 10.43 36.83
C GLU A 228 -20.72 10.64 35.31
N GLU A 229 -19.74 11.30 34.72
CA GLU A 229 -19.74 11.49 33.23
C GLU A 229 -19.54 10.12 32.55
N VAL A 230 -18.82 9.17 33.17
CA VAL A 230 -18.67 7.78 32.67
C VAL A 230 -20.05 7.09 32.53
N LEU A 231 -20.99 7.29 33.47
CA LEU A 231 -22.35 6.66 33.43
C LEU A 231 -23.23 7.26 32.33
N LYS A 232 -23.20 8.59 32.20
N LYS A 232 -23.21 8.60 32.20
CA LYS A 232 -23.91 9.34 31.13
CA LYS A 232 -23.90 9.36 31.12
C LYS A 232 -23.39 8.90 29.75
C LYS A 232 -23.40 8.87 29.75
N THR A 233 -22.08 8.60 29.63
CA THR A 233 -21.45 8.17 28.36
C THR A 233 -22.00 6.78 27.95
N ILE A 234 -22.09 5.87 28.90
CA ILE A 234 -22.60 4.48 28.70
C ILE A 234 -24.10 4.54 28.37
N ASP A 235 -24.87 5.43 29.04
CA ASP A 235 -26.34 5.57 28.85
C ASP A 235 -26.66 6.08 27.44
N GLU A 236 -26.03 7.18 27.05
CA GLU A 236 -26.17 7.83 25.74
C GLU A 236 -25.56 6.94 24.66
N GLY A 237 -24.57 6.11 25.04
CA GLY A 237 -23.96 5.09 24.16
C GLY A 237 -24.91 3.97 23.81
N ASP A 238 -26.10 3.92 24.44
CA ASP A 238 -27.16 2.93 24.09
C ASP A 238 -26.84 1.55 24.72
N ALA A 239 -26.04 1.47 25.78
CA ALA A 239 -25.75 0.20 26.48
C ALA A 239 -27.05 -0.41 27.07
N ASP A 240 -27.20 -1.72 26.98
CA ASP A 240 -28.44 -2.43 27.45
C ASP A 240 -28.48 -2.42 28.97
N GLU A 241 -29.64 -2.75 29.54
CA GLU A 241 -29.86 -2.69 31.02
C GLU A 241 -29.00 -3.74 31.74
N VAL A 242 -28.81 -4.94 31.15
CA VAL A 242 -27.98 -5.97 31.82
C VAL A 242 -26.52 -5.49 31.87
N THR A 243 -26.03 -4.83 30.81
CA THR A 243 -24.63 -4.31 30.81
C THR A 243 -24.52 -3.30 31.97
N LYS A 244 -25.55 -2.50 32.20
CA LYS A 244 -25.52 -1.47 33.29
C LYS A 244 -25.44 -2.14 34.65
N GLU A 245 -26.03 -3.33 34.82
CA GLU A 245 -25.93 -4.07 36.10
C GLU A 245 -24.46 -4.45 36.41
N ARG A 246 -23.53 -4.72 35.45
CA ARG A 246 -22.12 -5.16 35.79
C ARG A 246 -21.33 -4.05 36.53
N ILE A 247 -21.64 -2.79 36.25
CA ILE A 247 -21.10 -1.59 36.95
C ILE A 247 -21.62 -1.59 38.39
N HIS A 248 -22.93 -1.42 38.52
CA HIS A 248 -23.61 -1.12 39.81
C HIS A 248 -23.51 -2.32 40.77
N ASP A 249 -23.57 -3.57 40.26
CA ASP A 249 -23.69 -4.81 41.09
C ASP A 249 -22.31 -5.36 41.50
N HIS A 250 -21.51 -5.88 40.56
CA HIS A 250 -20.30 -6.71 40.81
C HIS A 250 -19.01 -5.87 40.97
N LYS A 251 -19.11 -4.54 40.77
CA LYS A 251 -17.98 -3.58 40.74
C LYS A 251 -16.79 -4.20 39.97
N GLU A 252 -16.92 -4.37 38.65
CA GLU A 252 -15.75 -4.57 37.76
C GLU A 252 -15.38 -3.20 37.17
N LYS A 253 -14.16 -3.06 36.67
CA LYS A 253 -13.60 -1.80 36.08
C LYS A 253 -13.93 -1.74 34.58
N PRO A 254 -14.79 -0.79 34.12
CA PRO A 254 -15.12 -0.61 32.71
C PRO A 254 -14.01 0.17 32.02
N GLY A 255 -13.49 -0.35 30.92
CA GLY A 255 -12.38 0.27 30.19
C GLY A 255 -12.87 1.11 29.03
N ALA A 256 -13.66 0.53 28.11
CA ALA A 256 -13.94 1.19 26.82
C ALA A 256 -15.35 0.83 26.28
N LEU A 257 -15.94 1.80 25.60
CA LEU A 257 -17.26 1.68 24.90
C LEU A 257 -17.01 1.44 23.42
N TRP A 258 -17.49 0.31 22.89
CA TRP A 258 -17.40 -0.08 21.46
C TRP A 258 -18.76 0.08 20.77
N HIS A 259 -18.74 0.38 19.47
CA HIS A 259 -19.90 0.09 18.60
C HIS A 259 -19.38 -0.76 17.46
N ILE A 260 -20.02 -1.90 17.23
CA ILE A 260 -19.67 -2.83 16.14
C ILE A 260 -20.92 -3.00 15.26
N TYR A 261 -20.70 -3.12 13.96
CA TYR A 261 -21.77 -3.27 12.94
C TYR A 261 -21.52 -4.52 12.12
N ALA A 262 -22.59 -5.22 11.67
CA ALA A 262 -22.40 -6.41 10.80
C ALA A 262 -21.69 -6.05 9.48
N ALA A 263 -20.81 -6.93 9.00
CA ALA A 263 -20.10 -6.79 7.72
C ALA A 263 -21.11 -6.51 6.61
N LYS A 264 -22.29 -7.12 6.65
CA LYS A 264 -23.34 -6.95 5.58
C LYS A 264 -23.85 -5.49 5.51
N ASP A 265 -23.69 -4.66 6.55
CA ASP A 265 -24.23 -3.28 6.71
C ASP A 265 -23.17 -2.22 6.30
N ALA A 266 -21.95 -2.61 5.92
CA ALA A 266 -20.83 -1.65 5.65
C ALA A 266 -21.21 -0.67 4.54
N GLU A 267 -21.87 -1.12 3.46
CA GLU A 267 -22.19 -0.18 2.34
C GLU A 267 -23.27 0.83 2.77
N LYS A 268 -24.29 0.45 3.50
CA LYS A 268 -25.31 1.39 4.01
C LYS A 268 -24.63 2.45 4.91
N ILE A 269 -23.66 2.04 5.74
CA ILE A 269 -22.91 3.01 6.57
C ILE A 269 -22.16 3.98 5.63
N ARG A 270 -21.53 3.51 4.56
CA ARG A 270 -20.82 4.41 3.59
C ARG A 270 -21.83 5.41 2.97
N GLU A 271 -23.02 4.96 2.65
CA GLU A 271 -24.07 5.84 2.06
C GLU A 271 -24.43 6.95 3.06
N LEU A 272 -24.66 6.65 4.35
CA LEU A 272 -24.91 7.67 5.40
C LEU A 272 -23.73 8.65 5.45
N LEU A 273 -22.49 8.15 5.55
CA LEU A 273 -21.33 9.07 5.77
C LEU A 273 -21.07 9.93 4.50
N ARG A 274 -21.35 9.42 3.30
CA ARG A 274 -21.25 10.26 2.06
C ARG A 274 -22.24 11.43 2.16
N LYS A 275 -23.46 11.16 2.60
CA LYS A 275 -24.56 12.15 2.69
C LYS A 275 -24.19 13.19 3.76
N VAL A 276 -23.69 12.75 4.92
CA VAL A 276 -23.28 13.70 5.98
C VAL A 276 -22.05 14.49 5.52
N GLY A 277 -21.08 13.90 4.82
CA GLY A 277 -19.90 14.62 4.32
C GLY A 277 -20.33 15.82 3.47
N GLU A 278 -21.24 15.56 2.52
CA GLU A 278 -21.84 16.56 1.60
C GLU A 278 -22.55 17.64 2.43
N GLU A 279 -23.45 17.24 3.35
CA GLU A 279 -24.18 18.22 4.20
C GLU A 279 -23.16 19.17 4.86
N GLN A 280 -22.00 18.67 5.30
CA GLN A 280 -21.02 19.48 6.10
C GLN A 280 -20.07 20.24 5.17
N GLY A 281 -20.26 20.16 3.85
CA GLY A 281 -19.47 20.91 2.87
C GLY A 281 -18.16 20.24 2.53
N GLN A 282 -17.98 18.95 2.86
CA GLN A 282 -16.83 18.17 2.28
C GLN A 282 -17.09 18.05 0.77
N GLU A 283 -16.04 17.97 -0.04
CA GLU A 283 -16.17 17.88 -1.51
C GLU A 283 -15.53 16.56 -1.93
N ASN A 284 -16.36 15.52 -2.11
CA ASN A 284 -15.88 14.13 -2.22
C ASN A 284 -16.45 13.50 -3.48
N PRO A 285 -15.66 12.70 -4.25
CA PRO A 285 -16.19 11.93 -5.36
C PRO A 285 -17.30 10.99 -4.87
N PRO A 286 -18.28 10.62 -5.74
CA PRO A 286 -19.44 9.84 -5.29
C PRO A 286 -19.11 8.43 -4.78
N ASP A 287 -17.87 7.96 -5.03
CA ASP A 287 -17.39 6.58 -4.80
C ASP A 287 -16.36 6.50 -3.67
N HIS A 288 -15.98 7.62 -3.01
CA HIS A 288 -14.88 7.59 -2.03
C HIS A 288 -15.33 6.75 -0.82
N ASP A 289 -14.38 6.22 -0.05
CA ASP A 289 -14.72 5.25 1.03
C ASP A 289 -14.53 5.91 2.39
N PRO A 290 -15.60 6.43 3.05
CA PRO A 290 -15.50 7.05 4.37
C PRO A 290 -15.14 6.10 5.50
N ILE A 291 -15.37 4.78 5.33
CA ILE A 291 -14.88 3.80 6.34
C ILE A 291 -13.37 3.64 6.22
N HIS A 292 -12.83 3.41 5.00
CA HIS A 292 -11.37 3.24 4.80
C HIS A 292 -10.62 4.50 5.26
N ASP A 293 -11.22 5.66 5.06
CA ASP A 293 -10.62 6.95 5.48
C ASP A 293 -10.38 7.05 7.00
N GLN A 294 -11.14 6.31 7.82
CA GLN A 294 -10.95 6.25 9.30
C GLN A 294 -11.04 7.66 9.89
N SER A 295 -11.92 8.49 9.33
CA SER A 295 -12.05 9.90 9.76
C SER A 295 -13.32 10.16 10.59
N TRP A 296 -14.27 9.20 10.71
CA TRP A 296 -15.58 9.40 11.35
C TRP A 296 -15.71 8.70 12.72
N TYR A 297 -16.33 9.35 13.69
CA TYR A 297 -16.86 8.73 14.95
C TYR A 297 -18.37 8.89 14.96
N LEU A 298 -19.14 7.79 15.02
CA LEU A 298 -20.62 7.87 15.03
C LEU A 298 -21.06 8.23 16.45
N ASP A 299 -21.45 9.50 16.69
CA ASP A 299 -21.99 9.94 18.00
C ASP A 299 -23.49 9.58 18.13
N GLN A 300 -24.12 9.88 19.24
CA GLN A 300 -25.53 9.47 19.47
C GLN A 300 -26.43 9.96 18.31
N THR A 301 -26.18 11.15 17.77
CA THR A 301 -26.97 11.73 16.64
C THR A 301 -26.82 10.86 15.37
N LEU A 302 -25.58 10.57 15.00
CA LEU A 302 -25.29 9.77 13.80
C LEU A 302 -25.81 8.33 14.02
N ARG A 303 -25.67 7.75 15.20
CA ARG A 303 -26.15 6.35 15.40
C ARG A 303 -27.68 6.32 15.24
N LYS A 304 -28.38 7.32 15.73
CA LYS A 304 -29.87 7.34 15.61
C LYS A 304 -30.27 7.50 14.13
N ARG A 305 -29.59 8.36 13.40
CA ARG A 305 -29.80 8.58 11.94
C ARG A 305 -29.55 7.27 11.17
N LEU A 306 -28.50 6.53 11.52
CA LEU A 306 -28.22 5.23 10.85
C LEU A 306 -29.40 4.28 11.00
N TYR A 307 -29.92 4.10 12.22
CA TYR A 307 -31.09 3.25 12.54
C TYR A 307 -32.30 3.77 11.76
N GLU A 308 -32.61 5.07 11.84
CA GLU A 308 -33.93 5.60 11.40
C GLU A 308 -33.97 5.69 9.86
N GLU A 309 -32.92 6.17 9.21
CA GLU A 309 -32.86 6.51 7.76
C GLU A 309 -32.46 5.28 6.94
N TYR A 310 -31.65 4.34 7.51
CA TYR A 310 -31.05 3.23 6.72
C TYR A 310 -31.41 1.88 7.32
N GLY A 311 -32.07 1.80 8.46
CA GLY A 311 -32.50 0.52 9.03
C GLY A 311 -31.39 -0.34 9.66
N VAL A 312 -30.28 0.30 10.04
CA VAL A 312 -29.04 -0.44 10.52
C VAL A 312 -28.88 -0.33 12.05
N GLN A 313 -28.84 -1.49 12.72
CA GLN A 313 -28.65 -1.60 14.20
C GLN A 313 -27.21 -2.07 14.42
N GLY A 314 -26.62 -1.68 15.52
CA GLY A 314 -25.29 -2.19 15.90
C GLY A 314 -25.33 -2.88 17.26
N TRP A 315 -24.14 -3.22 17.74
CA TRP A 315 -23.89 -3.78 19.07
C TRP A 315 -23.12 -2.71 19.86
N ALA A 316 -23.70 -2.20 20.94
CA ALA A 316 -23.02 -1.33 21.92
C ALA A 316 -22.41 -2.22 23.01
N ILE A 317 -21.07 -2.27 23.11
CA ILE A 317 -20.35 -3.25 23.98
C ILE A 317 -19.49 -2.43 24.99
N VAL A 318 -19.64 -2.67 26.29
CA VAL A 318 -18.68 -2.14 27.29
C VAL A 318 -17.68 -3.25 27.63
N GLN A 319 -16.40 -2.99 27.32
CA GLN A 319 -15.27 -3.93 27.53
C GLN A 319 -14.67 -3.61 28.91
N PHE A 320 -14.88 -4.49 29.88
CA PHE A 320 -14.30 -4.40 31.25
C PHE A 320 -12.90 -5.03 31.28
N LEU A 321 -12.12 -4.76 32.36
CA LEU A 321 -10.86 -5.51 32.61
C LEU A 321 -11.04 -7.03 32.41
N GLY A 322 -10.21 -7.62 31.58
CA GLY A 322 -10.15 -9.04 31.28
C GLY A 322 -11.18 -9.49 30.23
N ASP A 323 -11.96 -8.58 29.66
CA ASP A 323 -12.89 -8.99 28.56
C ASP A 323 -12.11 -9.09 27.24
N ALA A 324 -12.36 -10.15 26.48
CA ALA A 324 -11.87 -10.38 25.11
C ALA A 324 -13.05 -10.12 24.17
N VAL A 325 -12.88 -9.20 23.23
CA VAL A 325 -13.90 -8.87 22.19
C VAL A 325 -13.46 -9.56 20.91
N PHE A 326 -14.29 -10.47 20.35
CA PHE A 326 -14.07 -11.10 19.04
C PHE A 326 -14.75 -10.25 17.96
N ILE A 327 -13.96 -9.73 17.01
CA ILE A 327 -14.41 -8.78 15.98
C ILE A 327 -14.44 -9.49 14.62
N PRO A 328 -15.64 -9.75 14.03
CA PRO A 328 -15.69 -10.46 12.75
C PRO A 328 -15.01 -9.71 11.59
N ALA A 329 -14.29 -10.43 10.73
CA ALA A 329 -13.75 -9.85 9.48
C ALA A 329 -14.83 -9.06 8.73
N GLY A 330 -14.46 -7.86 8.28
CA GLY A 330 -15.32 -6.97 7.52
C GLY A 330 -16.29 -6.15 8.37
N ALA A 331 -16.37 -6.34 9.70
CA ALA A 331 -17.35 -5.65 10.54
C ALA A 331 -16.85 -4.26 10.91
N PRO A 332 -17.50 -3.15 10.48
CA PRO A 332 -17.10 -1.81 10.93
C PRO A 332 -17.17 -1.64 12.45
N HIS A 333 -16.16 -1.01 13.08
CA HIS A 333 -16.13 -0.84 14.55
C HIS A 333 -15.38 0.45 14.91
N GLN A 334 -15.77 1.01 16.04
CA GLN A 334 -15.20 2.24 16.67
C GLN A 334 -15.04 2.01 18.18
N VAL A 335 -14.09 2.72 18.83
CA VAL A 335 -13.78 2.52 20.27
C VAL A 335 -13.63 3.89 20.92
N HIS A 336 -14.23 4.06 22.10
CA HIS A 336 -14.22 5.29 22.95
C HIS A 336 -13.75 4.89 24.34
N ASN A 337 -12.49 5.18 24.73
CA ASN A 337 -12.01 4.82 26.08
C ASN A 337 -12.72 5.66 27.16
N LEU A 338 -13.19 4.98 28.21
CA LEU A 338 -13.88 5.61 29.37
C LEU A 338 -12.77 5.95 30.38
N TYR A 339 -11.85 5.04 30.63
CA TYR A 339 -10.64 5.27 31.47
C TYR A 339 -9.40 4.96 30.62
N SER A 340 -8.19 5.18 31.17
CA SER A 340 -6.95 4.77 30.46
C SER A 340 -6.90 3.25 30.28
N CYS A 341 -6.54 2.78 29.08
CA CYS A 341 -6.59 1.35 28.74
C CYS A 341 -5.29 0.85 28.12
N ILE A 342 -4.93 -0.38 28.49
CA ILE A 342 -3.93 -1.19 27.74
C ILE A 342 -4.68 -2.39 27.11
N LYS A 343 -4.76 -2.46 25.79
CA LYS A 343 -5.41 -3.59 25.09
C LYS A 343 -4.35 -4.29 24.22
N VAL A 344 -4.46 -5.61 24.03
CA VAL A 344 -3.60 -6.37 23.10
C VAL A 344 -4.49 -7.25 22.23
N ALA A 345 -4.28 -7.19 20.93
CA ALA A 345 -5.13 -7.90 19.92
C ALA A 345 -4.29 -8.83 19.06
N GLU A 346 -4.88 -9.96 18.63
CA GLU A 346 -4.26 -10.93 17.71
C GLU A 346 -5.20 -11.17 16.52
N ASP A 347 -4.71 -11.07 15.30
CA ASP A 347 -5.52 -11.36 14.09
C ASP A 347 -5.52 -12.87 13.83
N PHE A 348 -6.56 -13.38 13.19
CA PHE A 348 -6.64 -14.81 12.76
C PHE A 348 -7.58 -14.86 11.56
N VAL A 349 -7.64 -16.00 10.85
CA VAL A 349 -8.52 -16.19 9.66
C VAL A 349 -9.37 -17.44 9.86
N SER A 350 -10.58 -17.29 10.40
CA SER A 350 -11.52 -18.41 10.57
C SER A 350 -12.12 -18.84 9.24
N PRO A 351 -12.49 -20.13 9.10
CA PRO A 351 -13.12 -20.60 7.88
C PRO A 351 -14.46 -19.89 7.62
N GLU A 352 -15.20 -19.56 8.70
CA GLU A 352 -16.53 -18.92 8.61
C GLU A 352 -16.46 -17.60 7.84
N HIS A 353 -15.34 -16.89 7.89
CA HIS A 353 -15.27 -15.50 7.33
C HIS A 353 -14.17 -15.32 6.28
N VAL A 354 -13.61 -16.40 5.75
CA VAL A 354 -12.48 -16.29 4.78
C VAL A 354 -12.89 -15.51 3.53
N LYS A 355 -14.15 -15.53 3.06
CA LYS A 355 -14.61 -14.70 1.90
C LYS A 355 -14.16 -13.24 2.01
N HIS A 356 -14.04 -12.65 3.22
CA HIS A 356 -13.75 -11.21 3.39
C HIS A 356 -12.33 -10.85 2.99
N CYS A 357 -11.37 -11.80 2.91
CA CYS A 357 -9.97 -11.49 2.53
C CYS A 357 -9.64 -11.97 1.11
N PHE A 358 -10.59 -12.53 0.36
CA PHE A 358 -10.33 -13.02 -1.03
C PHE A 358 -10.16 -11.81 -1.99
N ARG A 359 -9.21 -11.91 -2.92
CA ARG A 359 -8.79 -10.76 -3.79
C ARG A 359 -9.55 -10.79 -5.10
N LEU A 360 -10.39 -11.80 -5.41
CA LEU A 360 -11.21 -11.79 -6.67
C LEU A 360 -12.73 -11.70 -6.41
N THR A 361 -13.50 -11.55 -7.50
CA THR A 361 -14.98 -11.29 -7.54
C THR A 361 -15.44 -10.59 -6.26
N MET B 23 17.32 13.34 -47.20
CA MET B 23 15.87 13.22 -47.56
C MET B 23 15.20 12.23 -46.60
N THR B 24 15.93 11.72 -45.62
CA THR B 24 15.41 10.81 -44.57
C THR B 24 14.17 11.46 -43.94
N SER B 25 13.04 10.75 -43.88
CA SER B 25 11.79 11.21 -43.24
C SER B 25 12.00 11.39 -41.73
N HIS B 26 11.89 12.61 -41.24
CA HIS B 26 12.16 12.95 -39.82
C HIS B 26 11.44 14.23 -39.40
N SER B 27 11.31 14.41 -38.09
CA SER B 27 10.83 15.65 -37.43
C SER B 27 11.49 15.77 -36.05
N TRP B 28 11.14 16.80 -35.31
CA TRP B 28 11.79 17.15 -34.03
C TRP B 28 10.70 17.39 -32.98
N LEU B 29 10.93 16.88 -31.76
CA LEU B 29 10.05 17.13 -30.59
C LEU B 29 10.90 17.77 -29.50
N CYS B 30 10.32 18.03 -28.31
CA CYS B 30 11.07 18.63 -27.18
C CYS B 30 11.83 19.89 -27.65
N ASP B 31 11.13 20.77 -28.38
CA ASP B 31 11.62 22.09 -28.86
C ASP B 31 12.94 21.92 -29.62
N GLY B 32 13.02 20.94 -30.55
CA GLY B 32 14.20 20.63 -31.39
C GLY B 32 15.30 19.77 -30.74
N ARG B 33 15.12 19.26 -29.52
CA ARG B 33 16.18 18.50 -28.79
C ARG B 33 15.94 16.98 -28.88
N LEU B 34 14.86 16.53 -29.56
CA LEU B 34 14.56 15.07 -29.77
C LEU B 34 14.34 14.76 -31.24
N LEU B 35 15.26 14.00 -31.86
CA LEU B 35 15.06 13.46 -33.23
C LEU B 35 13.92 12.43 -33.25
N CYS B 36 13.02 12.50 -34.23
CA CYS B 36 11.96 11.51 -34.53
C CYS B 36 12.17 11.00 -35.96
N LEU B 37 12.58 9.74 -36.14
CA LEU B 37 12.65 9.08 -37.48
C LEU B 37 11.33 8.38 -37.76
N HIS B 38 10.76 8.50 -38.98
CA HIS B 38 9.37 8.07 -39.29
C HIS B 38 9.31 6.83 -40.19
N ASP B 39 10.42 6.42 -40.83
CA ASP B 39 10.48 5.14 -41.57
C ASP B 39 11.47 4.19 -40.90
N PRO B 40 10.97 3.18 -40.15
CA PRO B 40 11.86 2.32 -39.34
C PRO B 40 12.87 1.49 -40.16
N SER B 41 12.64 1.28 -41.46
CA SER B 41 13.49 0.42 -42.34
C SER B 41 14.33 1.25 -43.33
N ASN B 42 14.38 2.57 -43.23
CA ASN B 42 15.23 3.39 -44.14
C ASN B 42 16.72 3.17 -43.83
N LYS B 43 17.51 2.72 -44.82
CA LYS B 43 18.95 2.35 -44.66
C LYS B 43 19.83 3.58 -44.35
N ASN B 44 19.31 4.80 -44.54
CA ASN B 44 20.03 6.06 -44.25
C ASN B 44 19.69 6.65 -42.86
N ASN B 45 18.86 5.99 -42.05
CA ASN B 45 18.50 6.49 -40.68
C ASN B 45 19.73 6.86 -39.86
N TRP B 46 20.85 6.13 -39.98
CA TRP B 46 22.09 6.34 -39.21
C TRP B 46 22.65 7.77 -39.41
N LYS B 47 22.36 8.42 -40.52
CA LYS B 47 23.02 9.72 -40.93
C LYS B 47 22.76 10.84 -39.92
N ILE B 48 21.50 11.05 -39.56
CA ILE B 48 21.10 12.13 -38.61
C ILE B 48 21.15 11.58 -37.16
N PHE B 49 20.95 10.26 -37.00
CA PHE B 49 21.02 9.57 -35.68
C PHE B 49 22.39 9.82 -35.02
N ARG B 50 23.49 9.70 -35.81
CA ARG B 50 24.89 9.69 -35.26
C ARG B 50 25.17 10.90 -34.35
N GLU B 51 24.89 12.13 -34.83
CA GLU B 51 25.24 13.32 -34.01
C GLU B 51 24.33 13.45 -32.78
N CYS B 52 23.04 13.09 -32.87
CA CYS B 52 22.19 13.16 -31.65
C CYS B 52 22.73 12.16 -30.61
N TRP B 53 23.09 10.95 -31.05
CA TRP B 53 23.58 9.89 -30.15
C TRP B 53 24.92 10.26 -29.56
N LYS B 54 25.78 10.92 -30.33
CA LYS B 54 27.10 11.38 -29.82
C LYS B 54 26.92 12.45 -28.74
N GLN B 55 25.91 13.32 -28.84
CA GLN B 55 25.61 14.37 -27.84
C GLN B 55 24.87 13.77 -26.64
N GLY B 56 24.64 12.45 -26.59
CA GLY B 56 24.04 11.79 -25.41
C GLY B 56 22.52 11.91 -25.37
N GLN B 57 21.88 12.14 -26.50
CA GLN B 57 20.41 12.33 -26.54
C GLN B 57 19.73 10.99 -26.78
N PRO B 58 18.51 10.77 -26.21
CA PRO B 58 17.64 9.72 -26.71
C PRO B 58 17.17 10.06 -28.14
N VAL B 59 16.68 9.08 -28.88
CA VAL B 59 16.08 9.20 -30.23
C VAL B 59 14.80 8.39 -30.27
N LEU B 60 13.77 8.85 -30.99
CA LEU B 60 12.50 8.11 -31.17
C LEU B 60 12.38 7.63 -32.63
N VAL B 61 12.00 6.37 -32.87
CA VAL B 61 11.72 5.83 -34.23
C VAL B 61 10.28 5.31 -34.20
N SER B 62 9.38 5.86 -35.04
CA SER B 62 7.94 5.48 -35.11
C SER B 62 7.72 4.40 -36.18
N GLY B 63 6.56 3.73 -36.16
CA GLY B 63 6.14 2.81 -37.22
C GLY B 63 6.50 1.35 -37.03
N VAL B 64 7.13 0.96 -35.91
CA VAL B 64 7.66 -0.44 -35.80
C VAL B 64 6.52 -1.48 -35.77
N HIS B 65 5.37 -1.16 -35.18
CA HIS B 65 4.24 -2.13 -35.05
C HIS B 65 3.62 -2.44 -36.42
N LYS B 66 3.76 -1.55 -37.40
CA LYS B 66 3.32 -1.84 -38.79
C LYS B 66 4.20 -2.93 -39.42
N LYS B 67 5.42 -3.16 -38.92
CA LYS B 67 6.35 -4.18 -39.45
C LYS B 67 6.16 -5.56 -38.79
N LEU B 68 5.49 -5.65 -37.63
CA LEU B 68 5.40 -6.90 -36.81
C LEU B 68 4.15 -7.72 -37.22
N LYS B 69 4.10 -8.97 -36.77
CA LYS B 69 2.88 -9.84 -36.81
C LYS B 69 2.00 -9.49 -35.61
N SER B 70 1.04 -8.59 -35.79
CA SER B 70 0.18 -8.03 -34.71
C SER B 70 -0.46 -9.16 -33.85
N GLU B 71 -0.83 -10.29 -34.44
CA GLU B 71 -1.51 -11.40 -33.71
C GLU B 71 -0.57 -12.02 -32.66
N LEU B 72 0.75 -11.87 -32.76
CA LEU B 72 1.70 -12.41 -31.75
C LEU B 72 1.73 -11.53 -30.48
N TRP B 73 1.37 -10.26 -30.55
CA TRP B 73 1.64 -9.27 -29.48
C TRP B 73 0.34 -8.82 -28.82
N LYS B 74 -0.54 -9.77 -28.46
CA LYS B 74 -1.88 -9.47 -27.91
C LYS B 74 -2.01 -10.15 -26.53
N PRO B 75 -2.58 -9.43 -25.53
CA PRO B 75 -2.75 -10.00 -24.19
C PRO B 75 -3.44 -11.39 -24.19
N GLU B 76 -4.51 -11.56 -24.99
CA GLU B 76 -5.25 -12.87 -25.06
C GLU B 76 -4.33 -14.00 -25.57
N ALA B 77 -3.41 -13.77 -26.51
CA ALA B 77 -2.46 -14.79 -26.98
C ALA B 77 -1.50 -15.19 -25.86
N PHE B 78 -0.94 -14.26 -25.11
CA PHE B 78 -0.02 -14.60 -23.98
C PHE B 78 -0.80 -15.43 -22.95
N SER B 79 -2.07 -15.09 -22.69
CA SER B 79 -2.93 -15.83 -21.71
C SER B 79 -3.14 -17.27 -22.19
N GLN B 80 -3.55 -17.45 -23.44
CA GLN B 80 -3.89 -18.79 -24.00
C GLN B 80 -2.63 -19.67 -24.06
N GLU B 81 -1.47 -19.13 -24.46
CA GLU B 81 -0.24 -19.94 -24.66
C GLU B 81 0.49 -20.22 -23.34
N PHE B 82 0.48 -19.29 -22.37
CA PHE B 82 1.39 -19.37 -21.20
C PHE B 82 0.64 -19.20 -19.85
N GLY B 83 -0.68 -19.16 -19.85
CA GLY B 83 -1.48 -18.73 -18.68
C GLY B 83 -1.47 -19.66 -17.47
N ASP B 84 -1.05 -20.94 -17.58
CA ASP B 84 -1.03 -21.83 -16.37
C ASP B 84 0.37 -21.86 -15.76
N GLN B 85 1.30 -21.02 -16.21
CA GLN B 85 2.61 -20.84 -15.53
C GLN B 85 2.40 -20.09 -14.21
N ASP B 86 3.25 -20.35 -13.22
CA ASP B 86 3.21 -19.66 -11.91
C ASP B 86 4.17 -18.47 -12.00
N VAL B 87 3.81 -17.35 -11.38
CA VAL B 87 4.60 -16.09 -11.48
C VAL B 87 4.35 -15.20 -10.25
N ASP B 88 5.29 -14.28 -9.98
CA ASP B 88 5.08 -13.18 -9.02
C ASP B 88 4.66 -11.89 -9.76
N LEU B 89 3.82 -11.08 -9.12
CA LEU B 89 3.43 -9.72 -9.61
C LEU B 89 3.90 -8.69 -8.59
N VAL B 90 4.01 -7.44 -9.05
CA VAL B 90 4.35 -6.27 -8.18
C VAL B 90 3.20 -5.26 -8.22
N ASN B 91 2.77 -4.84 -7.03
CA ASN B 91 1.83 -3.73 -6.84
C ASN B 91 2.60 -2.42 -7.03
N CYS B 92 2.30 -1.68 -8.10
CA CYS B 92 3.00 -0.43 -8.45
C CYS B 92 2.76 0.68 -7.40
N ARG B 93 1.64 0.67 -6.69
CA ARG B 93 1.33 1.72 -5.66
C ARG B 93 2.22 1.58 -4.40
N ASN B 94 2.55 0.37 -3.95
CA ASN B 94 3.28 0.19 -2.67
C ASN B 94 4.56 -0.67 -2.84
N CYS B 95 4.86 -1.17 -4.05
CA CYS B 95 6.05 -2.02 -4.36
C CYS B 95 5.93 -3.42 -3.72
N ALA B 96 4.77 -3.82 -3.20
CA ALA B 96 4.57 -5.16 -2.58
C ALA B 96 4.60 -6.26 -3.65
N ILE B 97 5.13 -7.45 -3.31
CA ILE B 97 5.16 -8.64 -4.21
C ILE B 97 3.95 -9.52 -3.89
N ILE B 98 3.13 -9.85 -4.89
CA ILE B 98 2.04 -10.85 -4.84
C ILE B 98 2.62 -12.15 -5.43
N SER B 99 2.99 -13.12 -4.57
CA SER B 99 3.84 -14.27 -4.94
C SER B 99 2.97 -15.43 -5.43
N ASP B 100 3.45 -16.14 -6.47
CA ASP B 100 2.94 -17.48 -6.84
C ASP B 100 1.46 -17.46 -7.25
N VAL B 101 1.06 -16.55 -8.13
CA VAL B 101 -0.25 -16.57 -8.82
C VAL B 101 -0.03 -17.02 -10.26
N LYS B 102 -1.10 -17.09 -11.07
CA LYS B 102 -1.01 -17.61 -12.46
C LYS B 102 -0.75 -16.45 -13.44
N VAL B 103 0.00 -16.71 -14.51
CA VAL B 103 0.21 -15.73 -15.61
C VAL B 103 -1.17 -15.28 -16.13
N ARG B 104 -2.17 -16.18 -16.25
CA ARG B 104 -3.50 -15.74 -16.74
C ARG B 104 -4.17 -14.75 -15.77
N ASP B 105 -3.83 -14.74 -14.47
CA ASP B 105 -4.44 -13.75 -13.54
C ASP B 105 -3.98 -12.34 -13.91
N PHE B 106 -2.76 -12.20 -14.39
CA PHE B 106 -2.28 -10.88 -14.88
C PHE B 106 -2.98 -10.53 -16.19
N TRP B 107 -2.90 -11.39 -17.20
CA TRP B 107 -3.35 -11.03 -18.58
C TRP B 107 -4.87 -10.84 -18.61
N ASP B 108 -5.66 -11.59 -17.82
CA ASP B 108 -7.14 -11.54 -17.98
C ASP B 108 -7.71 -10.24 -17.39
N GLY B 109 -6.95 -9.52 -16.57
CA GLY B 109 -7.25 -8.18 -16.05
C GLY B 109 -6.59 -7.05 -16.84
N PHE B 110 -5.87 -7.36 -17.90
CA PHE B 110 -5.05 -6.31 -18.58
C PHE B 110 -5.92 -5.13 -19.00
N GLU B 111 -7.10 -5.41 -19.54
CA GLU B 111 -8.04 -4.38 -20.04
C GLU B 111 -9.39 -4.43 -19.35
N ILE B 112 -9.76 -5.52 -18.69
CA ILE B 112 -11.05 -5.67 -17.94
C ILE B 112 -10.80 -5.42 -16.45
N ILE B 113 -11.15 -4.25 -15.93
CA ILE B 113 -10.75 -3.79 -14.57
C ILE B 113 -11.42 -4.67 -13.48
N CYS B 114 -12.64 -5.15 -13.73
CA CYS B 114 -13.42 -5.91 -12.71
C CYS B 114 -12.79 -7.30 -12.51
N LYS B 115 -11.89 -7.78 -13.39
CA LYS B 115 -11.22 -9.10 -13.33
C LYS B 115 -9.86 -9.00 -12.63
N ARG B 116 -9.43 -7.79 -12.24
CA ARG B 116 -8.12 -7.61 -11.55
C ARG B 116 -8.13 -8.12 -10.10
N LEU B 117 -6.99 -8.61 -9.62
CA LEU B 117 -6.72 -8.84 -8.18
C LEU B 117 -6.89 -7.53 -7.39
N ARG B 118 -7.60 -7.60 -6.27
CA ARG B 118 -7.86 -6.44 -5.37
C ARG B 118 -6.91 -6.38 -4.18
N SER B 119 -6.66 -5.17 -3.68
CA SER B 119 -5.89 -4.87 -2.45
C SER B 119 -6.83 -4.93 -1.22
N GLU B 120 -6.24 -4.88 -0.03
CA GLU B 120 -6.89 -4.86 1.32
C GLU B 120 -8.10 -3.90 1.31
N ASP B 121 -8.07 -2.78 0.57
CA ASP B 121 -9.10 -1.71 0.54
C ASP B 121 -10.23 -2.02 -0.44
N GLY B 122 -10.27 -3.23 -1.04
CA GLY B 122 -11.23 -3.57 -2.09
C GLY B 122 -11.01 -2.87 -3.42
N GLN B 123 -9.89 -2.17 -3.64
CA GLN B 123 -9.67 -1.49 -4.97
C GLN B 123 -8.93 -2.44 -5.94
N PRO B 124 -9.21 -2.40 -7.26
CA PRO B 124 -8.41 -3.14 -8.25
C PRO B 124 -6.96 -2.63 -8.22
N MET B 125 -6.00 -3.56 -8.20
CA MET B 125 -4.57 -3.18 -8.09
C MET B 125 -4.06 -2.79 -9.51
N VAL B 126 -3.09 -1.90 -9.49
CA VAL B 126 -2.19 -1.64 -10.65
C VAL B 126 -0.94 -2.51 -10.55
N LEU B 127 -0.85 -3.50 -11.43
CA LEU B 127 0.11 -4.61 -11.33
C LEU B 127 1.11 -4.59 -12.49
N LYS B 128 2.27 -5.13 -12.21
CA LYS B 128 3.21 -5.55 -13.29
C LYS B 128 3.72 -6.96 -13.09
N LEU B 129 4.01 -7.61 -14.20
CA LEU B 129 4.59 -8.96 -14.22
C LEU B 129 6.09 -8.83 -13.89
N LYS B 130 6.60 -9.61 -12.95
CA LYS B 130 8.01 -9.62 -12.52
C LYS B 130 8.76 -10.79 -13.18
N ASP B 131 9.94 -10.54 -13.79
CA ASP B 131 10.90 -11.62 -14.18
C ASP B 131 10.22 -12.65 -15.08
N TRP B 132 9.53 -12.22 -16.14
CA TRP B 132 8.78 -13.11 -17.06
C TRP B 132 9.05 -12.72 -18.50
N PRO B 133 9.46 -13.68 -19.39
CA PRO B 133 9.90 -15.03 -18.99
C PRO B 133 11.02 -15.08 -17.95
N PRO B 134 11.15 -16.16 -17.14
CA PRO B 134 12.22 -16.24 -16.12
C PRO B 134 13.63 -16.12 -16.73
N GLY B 135 14.48 -15.29 -16.10
CA GLY B 135 15.91 -15.17 -16.40
C GLY B 135 16.19 -14.73 -17.83
N GLU B 136 16.73 -15.65 -18.65
CA GLU B 136 17.19 -15.44 -20.05
C GLU B 136 16.35 -16.33 -20.99
N ASP B 137 15.18 -16.77 -20.55
CA ASP B 137 14.40 -17.80 -21.27
C ASP B 137 13.59 -17.20 -22.45
N PHE B 138 13.71 -15.90 -22.77
CA PHE B 138 12.79 -15.26 -23.76
C PHE B 138 12.91 -15.96 -25.12
N ARG B 139 14.13 -16.10 -25.62
CA ARG B 139 14.37 -16.79 -26.92
C ARG B 139 13.87 -18.24 -26.86
N ASP B 140 14.10 -18.94 -25.75
CA ASP B 140 13.74 -20.37 -25.55
C ASP B 140 12.22 -20.52 -25.39
N MET B 141 11.56 -19.69 -24.58
CA MET B 141 10.08 -19.81 -24.39
C MET B 141 9.31 -19.27 -25.59
N MET B 142 9.85 -18.27 -26.33
CA MET B 142 9.06 -17.52 -27.35
C MET B 142 9.89 -17.35 -28.62
N PRO B 143 10.24 -18.45 -29.33
CA PRO B 143 11.17 -18.34 -30.46
C PRO B 143 10.62 -17.58 -31.67
N THR B 144 9.31 -17.65 -31.92
CA THR B 144 8.64 -16.97 -33.06
C THR B 144 8.60 -15.46 -32.78
N ARG B 145 8.22 -15.02 -31.58
CA ARG B 145 8.30 -13.60 -31.14
C ARG B 145 9.76 -13.07 -31.16
N PHE B 146 10.76 -13.84 -30.77
CA PHE B 146 12.18 -13.44 -30.88
C PHE B 146 12.50 -13.07 -32.34
N GLU B 147 12.15 -13.95 -33.30
CA GLU B 147 12.47 -13.77 -34.75
C GLU B 147 11.72 -12.53 -35.27
N ASP B 148 10.45 -12.37 -34.91
CA ASP B 148 9.58 -11.24 -35.35
C ASP B 148 10.20 -9.91 -34.87
N LEU B 149 10.65 -9.86 -33.61
CA LEU B 149 11.26 -8.60 -33.07
C LEU B 149 12.61 -8.32 -33.80
N MET B 150 13.53 -9.28 -33.82
CA MET B 150 14.94 -8.97 -34.23
C MET B 150 14.98 -8.62 -35.73
N GLU B 151 14.12 -9.24 -36.54
CA GLU B 151 14.07 -8.94 -38.00
C GLU B 151 13.54 -7.53 -38.25
N ASN B 152 12.87 -6.86 -37.28
CA ASN B 152 12.14 -5.62 -37.54
C ASN B 152 12.59 -4.48 -36.61
N LEU B 153 13.63 -4.66 -35.82
CA LEU B 153 14.19 -3.55 -34.99
C LEU B 153 14.82 -2.50 -35.89
N PRO B 154 14.64 -1.21 -35.57
CA PRO B 154 15.29 -0.13 -36.29
C PRO B 154 16.78 -0.06 -35.98
N LEU B 155 17.50 0.69 -36.81
CA LEU B 155 18.98 0.87 -36.68
C LEU B 155 19.67 -0.50 -36.45
N PRO B 156 19.47 -1.46 -37.40
CA PRO B 156 19.92 -2.82 -37.19
C PRO B 156 21.47 -2.96 -37.14
N GLU B 157 22.25 -2.06 -37.75
CA GLU B 157 23.73 -2.16 -37.59
C GLU B 157 24.10 -1.89 -36.11
N TYR B 158 23.25 -1.21 -35.34
CA TYR B 158 23.48 -0.90 -33.90
C TYR B 158 22.85 -1.98 -33.00
N THR B 159 21.67 -2.50 -33.37
CA THR B 159 20.74 -3.19 -32.43
C THR B 159 20.75 -4.73 -32.61
N LYS B 160 21.10 -5.27 -33.77
CA LYS B 160 21.16 -6.75 -33.95
C LYS B 160 22.51 -7.32 -33.44
N ARG B 161 22.54 -8.60 -33.04
N ARG B 161 22.53 -8.60 -33.06
CA ARG B 161 23.76 -9.23 -32.45
CA ARG B 161 23.73 -9.26 -32.46
C ARG B 161 24.94 -9.15 -33.44
C ARG B 161 24.92 -9.18 -33.43
N ASP B 162 24.69 -9.42 -34.72
CA ASP B 162 25.76 -9.36 -35.75
C ASP B 162 25.81 -8.00 -36.45
N GLY B 163 25.20 -6.93 -35.87
CA GLY B 163 25.31 -5.58 -36.44
C GLY B 163 26.77 -5.12 -36.56
N ARG B 164 27.09 -4.41 -37.64
CA ARG B 164 28.45 -3.88 -37.94
C ARG B 164 28.94 -2.98 -36.80
N LEU B 165 28.03 -2.32 -36.07
CA LEU B 165 28.41 -1.32 -35.04
C LEU B 165 28.10 -1.80 -33.61
N ASN B 166 27.44 -2.95 -33.46
CA ASN B 166 27.13 -3.52 -32.11
C ASN B 166 28.40 -4.24 -31.60
N LEU B 167 29.00 -3.75 -30.54
CA LEU B 167 30.25 -4.31 -29.97
C LEU B 167 29.97 -5.39 -28.91
N ALA B 168 28.72 -5.64 -28.51
CA ALA B 168 28.41 -6.44 -27.31
C ALA B 168 28.99 -7.87 -27.40
N SER B 169 28.91 -8.54 -28.54
CA SER B 169 29.41 -9.94 -28.63
C SER B 169 30.94 -10.01 -28.65
N ARG B 170 31.63 -8.91 -28.93
CA ARG B 170 33.10 -8.86 -29.13
C ARG B 170 33.84 -8.45 -27.86
N LEU B 171 33.20 -7.72 -26.94
CA LEU B 171 33.92 -7.08 -25.81
C LEU B 171 33.93 -7.99 -24.58
N PRO B 172 35.01 -7.90 -23.77
CA PRO B 172 35.01 -8.59 -22.47
C PRO B 172 33.98 -8.14 -21.42
N SER B 173 33.86 -8.92 -20.34
CA SER B 173 32.82 -8.73 -19.30
C SER B 173 32.98 -7.40 -18.55
N TYR B 174 34.16 -6.77 -18.58
CA TYR B 174 34.36 -5.45 -17.92
C TYR B 174 33.73 -4.29 -18.71
N PHE B 175 33.17 -4.58 -19.91
CA PHE B 175 32.35 -3.60 -20.68
C PHE B 175 30.85 -3.95 -20.62
N VAL B 176 30.51 -5.23 -20.62
CA VAL B 176 29.12 -5.69 -20.94
C VAL B 176 28.89 -7.11 -20.43
N ARG B 177 27.68 -7.38 -19.96
CA ARG B 177 27.26 -8.76 -19.62
C ARG B 177 27.25 -9.64 -20.87
N PRO B 178 27.60 -10.93 -20.77
CA PRO B 178 27.55 -11.83 -21.94
C PRO B 178 26.14 -12.24 -22.40
N ASP B 179 26.02 -12.55 -23.69
CA ASP B 179 24.85 -13.26 -24.29
C ASP B 179 23.56 -12.45 -24.10
N LEU B 180 23.55 -11.20 -24.59
CA LEU B 180 22.38 -10.28 -24.46
C LEU B 180 21.19 -10.85 -25.26
N GLY B 181 19.99 -10.80 -24.67
CA GLY B 181 18.71 -11.14 -25.33
C GLY B 181 17.57 -10.23 -24.85
N PRO B 182 16.39 -10.27 -25.48
CA PRO B 182 15.32 -9.30 -25.22
C PRO B 182 14.62 -9.51 -23.87
N LYS B 183 13.97 -8.45 -23.40
CA LYS B 183 13.33 -8.41 -22.05
C LYS B 183 12.03 -7.59 -22.14
N MET B 184 10.95 -8.10 -21.53
CA MET B 184 9.59 -7.48 -21.61
C MET B 184 9.37 -6.58 -20.41
N TYR B 185 8.60 -5.50 -20.63
CA TYR B 185 8.03 -4.62 -19.58
C TYR B 185 6.50 -4.64 -19.76
N ASN B 186 5.78 -5.34 -18.82
CA ASN B 186 4.36 -5.70 -18.95
C ASN B 186 3.64 -5.18 -17.69
N ALA B 187 2.81 -4.15 -17.82
CA ALA B 187 2.19 -3.52 -16.61
C ALA B 187 0.88 -2.83 -16.94
N TYR B 188 -0.02 -2.77 -15.96
CA TYR B 188 -1.30 -2.04 -16.13
C TYR B 188 -1.01 -0.52 -16.19
N GLY B 189 -2.01 0.23 -16.64
CA GLY B 189 -2.02 1.71 -16.63
C GLY B 189 -2.30 2.26 -15.24
N LEU B 190 -1.63 3.32 -14.83
CA LEU B 190 -2.02 4.10 -13.62
C LEU B 190 -3.30 4.90 -13.92
N ILE B 191 -4.12 5.11 -12.89
CA ILE B 191 -5.59 5.44 -13.06
C ILE B 191 -5.97 6.75 -12.31
N THR B 192 -5.64 6.87 -11.03
CA THR B 192 -6.21 7.96 -10.19
C THR B 192 -5.34 9.23 -10.21
N ALA B 193 -5.88 10.32 -9.66
CA ALA B 193 -5.14 11.58 -9.45
C ALA B 193 -3.95 11.33 -8.53
N GLU B 194 -4.13 10.57 -7.45
CA GLU B 194 -3.04 10.18 -6.52
C GLU B 194 -2.00 9.36 -7.31
N ASP B 195 -2.42 8.55 -8.30
CA ASP B 195 -1.46 7.74 -9.12
C ASP B 195 -0.55 8.66 -9.95
N ARG B 196 -0.87 9.93 -10.17
CA ARG B 196 -0.05 10.80 -11.08
C ARG B 196 1.39 10.89 -10.59
N ARG B 197 1.64 10.76 -9.29
CA ARG B 197 2.98 10.88 -8.66
C ARG B 197 3.64 9.50 -8.46
N VAL B 198 3.06 8.44 -9.04
CA VAL B 198 3.58 7.05 -8.90
C VAL B 198 4.28 6.67 -10.22
N GLY B 199 5.41 5.99 -10.11
CA GLY B 199 6.08 5.36 -11.28
C GLY B 199 5.57 3.95 -11.56
N THR B 200 5.47 3.56 -12.84
CA THR B 200 5.43 2.14 -13.28
C THR B 200 6.81 1.55 -13.00
N THR B 201 7.85 2.22 -13.51
CA THR B 201 9.28 1.94 -13.22
C THR B 201 9.91 3.21 -12.66
N ASN B 202 10.44 3.14 -11.44
CA ASN B 202 11.00 4.30 -10.73
C ASN B 202 12.28 4.74 -11.42
N LEU B 203 12.75 5.96 -11.11
CA LEU B 203 14.00 6.53 -11.66
C LEU B 203 15.16 5.55 -11.44
N HIS B 204 15.93 5.23 -12.50
CA HIS B 204 17.09 4.30 -12.43
C HIS B 204 18.03 4.61 -13.60
N LEU B 205 19.16 3.90 -13.71
CA LEU B 205 19.95 3.88 -14.97
C LEU B 205 20.27 2.43 -15.35
N ASP B 206 20.59 2.20 -16.63
CA ASP B 206 21.02 0.87 -17.16
C ASP B 206 22.50 1.01 -17.63
N VAL B 207 23.29 -0.06 -17.52
CA VAL B 207 24.77 -0.02 -17.74
C VAL B 207 25.11 -0.21 -19.23
N SER B 208 24.19 -0.62 -20.06
CA SER B 208 24.42 -0.71 -21.54
C SER B 208 23.50 0.28 -22.28
N ASP B 209 23.74 0.52 -23.57
CA ASP B 209 22.72 1.12 -24.46
C ASP B 209 21.52 0.18 -24.61
N ALA B 210 20.32 0.68 -25.00
CA ALA B 210 19.14 -0.13 -25.27
C ALA B 210 18.15 0.56 -26.19
N VAL B 211 17.27 -0.22 -26.77
CA VAL B 211 16.06 0.25 -27.48
C VAL B 211 14.84 -0.42 -26.84
N ASN B 212 13.81 0.37 -26.55
CA ASN B 212 12.53 -0.12 -25.94
C ASN B 212 11.41 0.14 -26.95
N VAL B 213 10.70 -0.93 -27.38
CA VAL B 213 9.61 -0.84 -28.37
C VAL B 213 8.21 -1.07 -27.73
N MET B 214 7.28 -0.15 -27.97
CA MET B 214 5.84 -0.30 -27.59
C MET B 214 5.16 -1.23 -28.61
N VAL B 215 4.77 -2.45 -28.20
CA VAL B 215 4.16 -3.43 -29.15
C VAL B 215 2.63 -3.59 -28.95
N TYR B 216 2.06 -3.13 -27.85
CA TYR B 216 0.58 -3.17 -27.64
C TYR B 216 0.17 -2.16 -26.57
N VAL B 217 -0.95 -1.45 -26.83
CA VAL B 217 -1.53 -0.50 -25.85
C VAL B 217 -3.01 -0.91 -25.66
N GLY B 218 -3.35 -1.28 -24.42
CA GLY B 218 -4.68 -1.80 -24.04
C GLY B 218 -5.40 -0.71 -23.27
N ILE B 219 -6.47 -0.18 -23.87
CA ILE B 219 -7.32 0.90 -23.32
C ILE B 219 -8.62 0.26 -22.84
N PRO B 220 -8.95 0.27 -21.52
CA PRO B 220 -10.23 -0.25 -21.03
C PRO B 220 -11.42 0.65 -21.43
N ILE B 221 -12.65 0.11 -21.61
CA ILE B 221 -13.93 0.90 -21.78
C ILE B 221 -14.95 0.50 -20.70
N ALA B 225 -14.67 6.10 -21.17
CA ALA B 225 -13.40 6.63 -21.73
C ALA B 225 -12.76 7.61 -20.74
N HIS B 226 -12.15 7.09 -19.66
CA HIS B 226 -11.46 7.90 -18.61
C HIS B 226 -10.13 8.42 -19.16
N ASP B 227 -10.19 9.08 -20.32
CA ASP B 227 -9.08 9.85 -20.94
C ASP B 227 -8.92 11.19 -20.22
N GLU B 228 -9.76 11.46 -19.20
CA GLU B 228 -9.81 12.76 -18.48
C GLU B 228 -8.49 12.98 -17.75
N GLU B 229 -8.21 12.10 -16.78
CA GLU B 229 -6.98 12.11 -15.96
C GLU B 229 -5.74 12.02 -16.89
N VAL B 230 -5.88 11.38 -18.05
CA VAL B 230 -4.74 11.15 -19.00
C VAL B 230 -4.28 12.46 -19.64
N LEU B 231 -5.18 13.36 -20.07
CA LEU B 231 -4.74 14.65 -20.72
C LEU B 231 -4.06 15.56 -19.68
N LYS B 232 -4.55 15.57 -18.44
CA LYS B 232 -3.94 16.32 -17.32
C LYS B 232 -2.53 15.76 -16.99
N THR B 233 -2.33 14.44 -16.97
CA THR B 233 -1.02 13.83 -16.61
C THR B 233 0.02 14.25 -17.66
N ILE B 234 -0.38 14.25 -18.93
CA ILE B 234 0.45 14.64 -20.12
C ILE B 234 0.93 16.08 -19.96
N ASP B 235 -0.03 16.97 -19.64
CA ASP B 235 0.17 18.44 -19.50
C ASP B 235 1.17 18.72 -18.35
N GLU B 236 0.81 18.31 -17.14
CA GLU B 236 1.63 18.43 -15.90
C GLU B 236 2.99 17.75 -16.13
N GLY B 237 2.99 16.68 -16.95
CA GLY B 237 4.16 15.92 -17.42
C GLY B 237 5.15 16.78 -18.20
N ASP B 238 4.69 17.93 -18.74
CA ASP B 238 5.53 18.91 -19.49
C ASP B 238 5.81 18.39 -20.91
N ALA B 239 4.93 17.57 -21.48
CA ALA B 239 4.92 17.21 -22.92
C ALA B 239 4.75 18.49 -23.76
N ASP B 240 5.24 18.50 -24.99
CA ASP B 240 5.22 19.70 -25.87
C ASP B 240 3.86 19.79 -26.59
N GLU B 241 3.53 20.96 -27.18
CA GLU B 241 2.14 21.27 -27.63
C GLU B 241 1.73 20.32 -28.75
N VAL B 242 2.67 20.01 -29.66
CA VAL B 242 2.49 19.02 -30.77
C VAL B 242 1.93 17.71 -30.20
N THR B 243 2.57 17.19 -29.14
CA THR B 243 2.18 15.92 -28.45
C THR B 243 0.74 16.09 -27.89
N LYS B 244 0.49 17.17 -27.15
CA LYS B 244 -0.85 17.41 -26.52
C LYS B 244 -1.96 17.47 -27.57
N GLU B 245 -1.81 18.31 -28.59
CA GLU B 245 -2.85 18.51 -29.64
C GLU B 245 -2.98 17.21 -30.44
N ARG B 246 -1.91 16.44 -30.53
CA ARG B 246 -1.80 15.22 -31.39
C ARG B 246 -2.81 14.16 -30.94
N ILE B 247 -3.09 14.05 -29.64
CA ILE B 247 -4.05 13.03 -29.10
C ILE B 247 -5.47 13.62 -29.18
N HIS B 248 -5.69 14.58 -30.08
CA HIS B 248 -7.01 15.20 -30.40
C HIS B 248 -7.26 15.12 -31.91
N ASP B 249 -6.26 15.48 -32.73
CA ASP B 249 -6.31 15.45 -34.21
C ASP B 249 -6.56 14.01 -34.68
N HIS B 250 -5.49 13.22 -34.87
CA HIS B 250 -5.55 11.76 -35.12
C HIS B 250 -6.24 11.07 -33.93
N LYS B 251 -6.32 9.73 -33.93
CA LYS B 251 -6.74 8.97 -32.71
C LYS B 251 -5.73 7.84 -32.46
N GLU B 252 -4.51 8.20 -32.10
CA GLU B 252 -3.43 7.23 -31.78
C GLU B 252 -3.67 6.68 -30.37
N LYS B 253 -2.89 5.66 -30.05
CA LYS B 253 -2.85 4.98 -28.73
C LYS B 253 -1.63 5.50 -28.00
N PRO B 254 -1.74 6.48 -27.08
CA PRO B 254 -0.61 6.86 -26.21
C PRO B 254 -0.44 5.82 -25.10
N GLY B 255 0.77 5.28 -24.94
CA GLY B 255 1.01 4.19 -23.97
C GLY B 255 1.60 4.68 -22.66
N ALA B 256 2.72 5.42 -22.70
CA ALA B 256 3.50 5.71 -21.50
C ALA B 256 4.20 7.06 -21.61
N LEU B 257 4.36 7.67 -20.45
CA LEU B 257 5.06 8.95 -20.27
C LEU B 257 6.41 8.65 -19.62
N TRP B 258 7.47 8.98 -20.37
CA TRP B 258 8.87 8.88 -19.95
C TRP B 258 9.40 10.25 -19.53
N HIS B 259 10.33 10.25 -18.60
CA HIS B 259 11.32 11.36 -18.40
C HIS B 259 12.72 10.77 -18.46
N ILE B 260 13.55 11.25 -19.38
CA ILE B 260 14.95 10.81 -19.56
C ILE B 260 15.89 12.00 -19.31
N TYR B 261 16.99 11.76 -18.61
CA TYR B 261 18.05 12.77 -18.31
C TYR B 261 19.38 12.34 -18.93
N ALA B 262 20.22 13.31 -19.28
CA ALA B 262 21.59 13.03 -19.79
C ALA B 262 22.46 12.24 -18.79
N ALA B 263 23.28 11.31 -19.28
CA ALA B 263 24.25 10.57 -18.44
C ALA B 263 25.09 11.56 -17.59
N LYS B 264 25.49 12.70 -18.16
CA LYS B 264 26.39 13.68 -17.48
C LYS B 264 25.65 14.39 -16.33
N ASP B 265 24.32 14.26 -16.22
CA ASP B 265 23.52 14.96 -15.18
C ASP B 265 23.21 14.03 -14.01
N ALA B 266 23.70 12.77 -14.02
CA ALA B 266 23.30 11.77 -13.01
C ALA B 266 23.71 12.28 -11.62
N GLU B 267 24.90 12.88 -11.46
CA GLU B 267 25.44 13.15 -10.10
C GLU B 267 24.69 14.34 -9.48
N LYS B 268 24.30 15.34 -10.29
CA LYS B 268 23.42 16.46 -9.88
C LYS B 268 22.08 15.90 -9.42
N ILE B 269 21.54 14.87 -10.10
CA ILE B 269 20.26 14.24 -9.66
C ILE B 269 20.46 13.59 -8.29
N ARG B 270 21.59 12.90 -8.08
CA ARG B 270 21.88 12.21 -6.78
C ARG B 270 21.98 13.28 -5.68
N GLU B 271 22.62 14.41 -5.99
CA GLU B 271 22.78 15.55 -5.04
C GLU B 271 21.41 16.01 -4.55
N LEU B 272 20.45 16.24 -5.47
CA LEU B 272 19.06 16.69 -5.16
C LEU B 272 18.37 15.65 -4.26
N LEU B 273 18.40 14.35 -4.60
CA LEU B 273 17.61 13.33 -3.89
C LEU B 273 18.26 12.98 -2.54
N ARG B 274 19.58 13.21 -2.37
CA ARG B 274 20.24 13.10 -1.05
C ARG B 274 19.63 14.17 -0.12
N LYS B 275 19.49 15.40 -0.61
CA LYS B 275 18.94 16.54 0.16
C LYS B 275 17.48 16.24 0.53
N VAL B 276 16.62 15.97 -0.44
CA VAL B 276 15.15 15.76 -0.27
C VAL B 276 14.91 14.60 0.70
N GLY B 277 15.75 13.56 0.64
CA GLY B 277 15.64 12.39 1.53
C GLY B 277 15.98 12.76 2.96
N GLU B 278 16.99 13.63 3.15
CA GLU B 278 17.38 14.18 4.48
C GLU B 278 16.21 15.02 4.99
N GLU B 279 15.60 15.83 4.12
CA GLU B 279 14.42 16.68 4.45
C GLU B 279 13.23 15.80 4.87
N GLN B 280 13.06 14.63 4.27
CA GLN B 280 11.90 13.74 4.54
C GLN B 280 12.16 12.85 5.77
N GLY B 281 13.37 12.86 6.32
CA GLY B 281 13.70 12.14 7.56
C GLY B 281 14.45 10.84 7.34
N GLN B 282 14.83 10.49 6.10
CA GLN B 282 15.72 9.34 5.83
C GLN B 282 17.09 9.61 6.47
N GLU B 283 17.76 8.56 6.97
CA GLU B 283 19.15 8.63 7.50
C GLU B 283 20.06 7.79 6.60
N ASN B 284 20.78 8.46 5.68
CA ASN B 284 21.58 7.86 4.58
C ASN B 284 23.01 8.40 4.71
N PRO B 285 24.07 7.57 4.46
CA PRO B 285 25.44 8.10 4.39
C PRO B 285 25.59 9.12 3.25
N PRO B 286 26.66 9.94 3.22
CA PRO B 286 26.82 10.96 2.18
C PRO B 286 27.22 10.36 0.81
N ASP B 287 27.62 9.08 0.79
CA ASP B 287 27.98 8.27 -0.40
C ASP B 287 26.72 7.70 -1.07
N HIS B 288 25.61 7.61 -0.35
CA HIS B 288 24.39 6.88 -0.73
C HIS B 288 23.95 7.25 -2.16
N ASP B 289 23.43 6.27 -2.91
CA ASP B 289 23.11 6.44 -4.36
C ASP B 289 21.62 6.22 -4.57
N PRO B 290 20.82 7.31 -4.57
CA PRO B 290 19.37 7.20 -4.73
C PRO B 290 18.90 6.74 -6.13
N ILE B 291 19.75 6.87 -7.15
CA ILE B 291 19.44 6.31 -8.50
C ILE B 291 19.63 4.79 -8.45
N HIS B 292 20.74 4.30 -7.89
CA HIS B 292 20.95 2.85 -7.62
C HIS B 292 19.78 2.30 -6.78
N ASP B 293 19.20 3.06 -5.85
CA ASP B 293 18.09 2.58 -4.98
C ASP B 293 16.77 2.28 -5.69
N GLN B 294 16.54 2.86 -6.88
CA GLN B 294 15.32 2.71 -7.72
C GLN B 294 14.05 2.88 -6.87
N SER B 295 14.04 3.88 -5.99
CA SER B 295 12.92 4.14 -5.03
C SER B 295 12.18 5.46 -5.32
N TRP B 296 12.71 6.34 -6.19
CA TRP B 296 12.16 7.70 -6.43
C TRP B 296 11.39 7.77 -7.75
N TYR B 297 10.26 8.47 -7.74
CA TYR B 297 9.64 8.99 -8.99
C TYR B 297 9.63 10.51 -8.91
N LEU B 298 10.29 11.18 -9.87
CA LEU B 298 10.31 12.67 -9.90
C LEU B 298 8.94 13.20 -10.35
N ASP B 299 8.12 13.68 -9.41
CA ASP B 299 6.81 14.29 -9.74
C ASP B 299 7.02 15.74 -10.23
N GLN B 300 5.94 16.48 -10.51
CA GLN B 300 6.08 17.87 -11.06
C GLN B 300 6.92 18.74 -10.12
N THR B 301 6.65 18.67 -8.82
CA THR B 301 7.37 19.46 -7.78
C THR B 301 8.88 19.15 -7.88
N LEU B 302 9.26 17.88 -7.96
CA LEU B 302 10.69 17.48 -7.94
C LEU B 302 11.37 17.87 -9.27
N ARG B 303 10.72 17.67 -10.42
CA ARG B 303 11.30 18.04 -11.74
C ARG B 303 11.56 19.56 -11.78
N LYS B 304 10.64 20.35 -11.21
CA LYS B 304 10.78 21.84 -11.19
C LYS B 304 11.96 22.25 -10.31
N ARG B 305 12.08 21.68 -9.12
CA ARG B 305 13.18 21.93 -8.16
C ARG B 305 14.53 21.51 -8.78
N LEU B 306 14.58 20.40 -9.55
CA LEU B 306 15.83 19.92 -10.24
C LEU B 306 16.25 20.98 -11.27
N TYR B 307 15.30 21.53 -12.00
CA TYR B 307 15.60 22.57 -13.03
C TYR B 307 16.17 23.81 -12.34
N GLU B 308 15.36 24.40 -11.45
N GLU B 308 15.39 24.39 -11.42
CA GLU B 308 15.63 25.67 -10.72
CA GLU B 308 15.68 25.71 -10.79
C GLU B 308 16.97 25.58 -10.00
C GLU B 308 16.97 25.63 -9.96
N GLU B 309 17.14 24.58 -9.13
CA GLU B 309 18.33 24.48 -8.23
C GLU B 309 19.59 23.98 -8.95
N TYR B 310 19.51 23.13 -9.98
CA TYR B 310 20.72 22.42 -10.51
C TYR B 310 20.91 22.67 -12.01
N GLY B 311 19.96 23.29 -12.71
CA GLY B 311 20.03 23.56 -14.16
C GLY B 311 19.66 22.37 -15.04
N VAL B 312 19.09 21.28 -14.50
CA VAL B 312 18.91 19.99 -15.25
C VAL B 312 17.47 19.90 -15.79
N GLN B 313 17.31 19.72 -17.09
CA GLN B 313 16.01 19.93 -17.79
C GLN B 313 15.26 18.60 -18.05
N GLY B 314 15.90 17.63 -18.69
CA GLY B 314 15.26 16.34 -19.02
C GLY B 314 14.38 16.38 -20.28
N TRP B 315 14.12 15.22 -20.87
CA TRP B 315 13.26 15.02 -22.06
C TRP B 315 11.96 14.37 -21.60
N ALA B 316 10.81 15.00 -21.79
CA ALA B 316 9.48 14.38 -21.49
C ALA B 316 8.94 13.79 -22.79
N ILE B 317 8.81 12.46 -22.85
CA ILE B 317 8.45 11.72 -24.09
C ILE B 317 7.17 10.91 -23.87
N VAL B 318 6.22 11.04 -24.78
CA VAL B 318 5.03 10.14 -24.85
C VAL B 318 5.29 9.06 -25.90
N GLN B 319 5.38 7.81 -25.45
CA GLN B 319 5.61 6.63 -26.32
C GLN B 319 4.24 6.07 -26.73
N PHE B 320 3.90 6.18 -28.02
CA PHE B 320 2.69 5.65 -28.67
C PHE B 320 2.96 4.23 -29.19
N LEU B 321 1.91 3.51 -29.60
CA LEU B 321 2.03 2.18 -30.21
C LEU B 321 3.02 2.26 -31.38
N GLY B 322 4.00 1.34 -31.41
CA GLY B 322 5.03 1.18 -32.46
C GLY B 322 6.23 2.09 -32.27
N ASP B 323 6.23 2.97 -31.26
CA ASP B 323 7.37 3.89 -30.99
C ASP B 323 8.51 3.11 -30.31
N ALA B 324 9.74 3.23 -30.86
CA ALA B 324 10.99 2.71 -30.30
C ALA B 324 11.78 3.86 -29.68
N VAL B 325 12.09 3.77 -28.38
CA VAL B 325 12.89 4.76 -27.62
C VAL B 325 14.32 4.22 -27.43
N PHE B 326 15.31 4.91 -28.03
CA PHE B 326 16.75 4.64 -27.85
C PHE B 326 17.26 5.37 -26.60
N ILE B 327 17.82 4.63 -25.65
CA ILE B 327 18.23 5.09 -24.28
C ILE B 327 19.75 4.96 -24.14
N PRO B 328 20.52 6.05 -24.08
CA PRO B 328 21.97 5.95 -23.86
C PRO B 328 22.33 5.27 -22.53
N ALA B 329 23.39 4.45 -22.56
CA ALA B 329 24.02 3.89 -21.35
C ALA B 329 24.20 5.02 -20.30
N GLY B 330 23.67 4.80 -19.10
CA GLY B 330 23.88 5.70 -17.97
C GLY B 330 22.92 6.87 -17.95
N ALA B 331 22.03 7.04 -18.94
CA ALA B 331 21.01 8.13 -18.92
C ALA B 331 19.91 7.75 -17.93
N PRO B 332 19.77 8.43 -16.77
CA PRO B 332 18.67 8.09 -15.85
C PRO B 332 17.29 8.32 -16.49
N HIS B 333 16.33 7.47 -16.14
CA HIS B 333 14.98 7.49 -16.73
C HIS B 333 13.96 6.85 -15.78
N GLN B 334 12.72 7.29 -15.94
CA GLN B 334 11.52 6.83 -15.22
C GLN B 334 10.40 6.65 -16.22
N VAL B 335 9.49 5.71 -15.95
CA VAL B 335 8.34 5.47 -16.83
C VAL B 335 7.01 5.41 -16.04
N HIS B 336 5.97 6.03 -16.60
CA HIS B 336 4.59 6.13 -15.97
C HIS B 336 3.59 5.67 -17.02
N ASN B 337 3.06 4.43 -16.96
CA ASN B 337 2.10 3.96 -17.99
C ASN B 337 0.77 4.74 -17.84
N LEU B 338 0.26 5.27 -18.97
CA LEU B 338 -1.04 5.98 -19.13
C LEU B 338 -2.16 4.97 -19.34
N TYR B 339 -1.90 3.89 -20.06
CA TYR B 339 -2.80 2.73 -20.31
C TYR B 339 -1.97 1.45 -20.08
N SER B 340 -2.62 0.29 -20.13
CA SER B 340 -1.92 -1.00 -20.02
C SER B 340 -0.99 -1.15 -21.24
N CYS B 341 0.27 -1.50 -21.00
CA CYS B 341 1.30 -1.60 -22.09
C CYS B 341 2.02 -2.98 -22.11
N ILE B 342 2.27 -3.47 -23.34
CA ILE B 342 3.32 -4.49 -23.61
C ILE B 342 4.51 -3.82 -24.31
N LYS B 343 5.66 -3.79 -23.66
CA LYS B 343 6.93 -3.26 -24.30
C LYS B 343 7.98 -4.38 -24.36
N VAL B 344 8.87 -4.40 -25.39
CA VAL B 344 10.02 -5.32 -25.43
C VAL B 344 11.27 -4.49 -25.75
N ALA B 345 12.36 -4.81 -25.09
CA ALA B 345 13.62 -4.04 -25.16
C ALA B 345 14.80 -4.97 -25.43
N GLU B 346 15.82 -4.43 -26.12
CA GLU B 346 17.07 -5.17 -26.45
C GLU B 346 18.25 -4.29 -26.05
N ASP B 347 19.22 -4.85 -25.30
CA ASP B 347 20.46 -4.13 -24.92
C ASP B 347 21.47 -4.26 -26.07
N PHE B 348 22.37 -3.29 -26.20
CA PHE B 348 23.48 -3.30 -27.21
C PHE B 348 24.62 -2.41 -26.72
N VAL B 349 25.79 -2.38 -27.40
CA VAL B 349 26.93 -1.52 -27.01
C VAL B 349 27.38 -0.78 -28.26
N SER B 350 27.12 0.52 -28.36
CA SER B 350 27.65 1.35 -29.48
C SER B 350 29.07 1.81 -29.23
N PRO B 351 29.87 2.03 -30.30
CA PRO B 351 31.22 2.60 -30.15
C PRO B 351 31.21 3.97 -29.45
N GLU B 352 30.19 4.77 -29.72
CA GLU B 352 30.02 6.16 -29.20
C GLU B 352 30.02 6.12 -27.65
N HIS B 353 29.49 5.03 -27.04
CA HIS B 353 29.25 4.96 -25.60
C HIS B 353 30.11 3.87 -24.91
N VAL B 354 31.13 3.32 -25.58
CA VAL B 354 31.92 2.22 -24.97
C VAL B 354 32.64 2.68 -23.69
N LYS B 355 33.14 3.91 -23.64
CA LYS B 355 33.83 4.43 -22.42
C LYS B 355 32.84 4.47 -21.25
N HIS B 356 31.62 4.97 -21.50
CA HIS B 356 30.52 4.96 -20.48
C HIS B 356 30.25 3.54 -19.97
N CYS B 357 30.09 2.57 -20.87
CA CYS B 357 29.76 1.18 -20.52
C CYS B 357 30.86 0.61 -19.57
N PHE B 358 32.15 0.92 -19.79
CA PHE B 358 33.27 0.45 -18.92
C PHE B 358 33.09 1.05 -17.50
N ARG B 359 32.92 2.36 -17.41
CA ARG B 359 32.80 3.09 -16.11
C ARG B 359 31.53 2.64 -15.39
N LEU B 360 30.39 2.49 -16.09
CA LEU B 360 29.12 2.07 -15.45
C LEU B 360 29.22 0.64 -14.92
N THR B 361 29.90 -0.27 -15.64
CA THR B 361 30.11 -1.66 -15.21
C THR B 361 30.97 -1.65 -13.92
N GLN B 362 32.04 -0.86 -13.90
CA GLN B 362 32.96 -0.67 -12.73
C GLN B 362 32.11 -0.26 -11.50
N GLU B 363 31.27 0.77 -11.65
CA GLU B 363 30.47 1.37 -10.54
C GLU B 363 29.42 0.34 -10.12
N PHE B 364 28.85 -0.42 -11.07
CA PHE B 364 27.81 -1.40 -10.72
C PHE B 364 28.42 -2.45 -9.79
N ARG B 365 29.62 -2.94 -10.09
CA ARG B 365 30.36 -3.96 -9.31
C ARG B 365 30.69 -3.37 -7.90
N HIS B 366 31.07 -2.10 -7.84
CA HIS B 366 31.41 -1.43 -6.55
C HIS B 366 30.16 -1.30 -5.66
N LEU B 367 29.00 -0.94 -6.23
CA LEU B 367 27.73 -0.78 -5.50
C LEU B 367 27.19 -2.15 -5.06
N SER B 368 27.59 -3.24 -5.73
CA SER B 368 27.11 -4.63 -5.46
C SER B 368 27.67 -5.14 -4.13
N ASN B 369 29.00 -5.15 -3.98
CA ASN B 369 29.72 -5.72 -2.80
C ASN B 369 30.24 -4.58 -1.91
#